data_7OT9
#
_entry.id   7OT9
#
_cell.length_a   1.00
_cell.length_b   1.00
_cell.length_c   1.00
_cell.angle_alpha   90.00
_cell.angle_beta   90.00
_cell.angle_gamma   90.00
#
_symmetry.space_group_name_H-M   'P 1'
#
_entity_poly.entity_id   1
_entity_poly.type   'polypeptide(L)'
_entity_poly.pdbx_seq_one_letter_code
;MVNVRQPRDVAQILLSVLFLAIMIVACLWIVQPFILGFAWAGTVVIATWPVLLRLQKIMFGRRSLAVLVMTLLLVMVFII
PIALLVNSIVDGSGPLIKAISSGDMTLPDLAWLNTIPVIGAKLYAGWHNLLDMGGTAIMAKVRPYIGTTTTWFVGQAAHI
GRFMVHCALMLLFSALLYWRGEQVAQGIRHFATRLAGVRGDAAVLLAAQAIRAVALGVVVTALVQAVLGGIGLAVSGVPY
ATLLTVLMILSCLVQLGPLPVLIPAIIWLYWTGDTTWGTVLLVWSGVVGTLDNVIRPMLIRMGADLPLILILSGVIGGLI
AFGMIGLFIGPVLLAVSWRLFAAWVEEVPPPTDQPEEILEELGEIEKPNK
;
_entity_poly.pdbx_strand_id   A,E,D,C,B
#
# COMPACT_ATOMS: atom_id res chain seq x y z
N PRO A 7 -13.05 12.94 -18.47
CA PRO A 7 -12.06 12.22 -17.68
C PRO A 7 -12.68 11.11 -16.84
N ARG A 8 -11.97 10.00 -16.67
CA ARG A 8 -12.46 8.92 -15.83
C ARG A 8 -12.49 9.37 -14.38
N ASP A 9 -13.56 9.01 -13.67
CA ASP A 9 -13.69 9.41 -12.28
C ASP A 9 -12.83 8.51 -11.39
N VAL A 10 -12.65 8.95 -10.14
CA VAL A 10 -11.83 8.21 -9.20
C VAL A 10 -12.45 6.86 -8.88
N ALA A 11 -13.78 6.79 -8.85
CA ALA A 11 -14.45 5.54 -8.49
C ALA A 11 -14.11 4.45 -9.48
N GLN A 12 -14.17 4.74 -10.78
CA GLN A 12 -13.88 3.71 -11.77
C GLN A 12 -12.44 3.27 -11.71
N ILE A 13 -11.50 4.21 -11.56
CA ILE A 13 -10.09 3.85 -11.49
C ILE A 13 -9.82 2.97 -10.28
N LEU A 14 -10.35 3.37 -9.13
CA LEU A 14 -10.11 2.61 -7.91
C LEU A 14 -10.74 1.23 -7.99
N LEU A 15 -11.97 1.14 -8.52
CA LEU A 15 -12.62 -0.15 -8.61
C LEU A 15 -11.93 -1.05 -9.62
N SER A 16 -11.45 -0.48 -10.74
CA SER A 16 -10.71 -1.29 -11.70
C SER A 16 -9.41 -1.81 -11.10
N VAL A 17 -8.69 -0.96 -10.39
CA VAL A 17 -7.45 -1.40 -9.75
C VAL A 17 -7.75 -2.49 -8.73
N LEU A 18 -8.78 -2.28 -7.90
CA LEU A 18 -9.12 -3.25 -6.87
C LEU A 18 -9.56 -4.57 -7.46
N PHE A 19 -10.38 -4.54 -8.51
CA PHE A 19 -10.84 -5.78 -9.13
C PHE A 19 -9.72 -6.50 -9.83
N LEU A 20 -8.83 -5.77 -10.51
CA LEU A 20 -7.70 -6.43 -11.14
C LEU A 20 -6.76 -7.04 -10.10
N ALA A 21 -6.56 -6.34 -8.98
CA ALA A 21 -5.74 -6.92 -7.92
C ALA A 21 -6.37 -8.17 -7.34
N ILE A 22 -7.68 -8.15 -7.12
CA ILE A 22 -8.36 -9.34 -6.62
C ILE A 22 -8.25 -10.48 -7.61
N MET A 23 -8.46 -10.20 -8.90
CA MET A 23 -8.37 -11.23 -9.92
C MET A 23 -6.98 -11.84 -9.97
N ILE A 24 -5.94 -11.00 -9.94
CA ILE A 24 -4.58 -11.50 -9.99
C ILE A 24 -4.26 -12.34 -8.76
N VAL A 25 -4.60 -11.82 -7.58
CA VAL A 25 -4.28 -12.52 -6.35
C VAL A 25 -5.04 -13.85 -6.28
N ALA A 26 -6.31 -13.85 -6.65
CA ALA A 26 -7.09 -15.07 -6.62
C ALA A 26 -6.57 -16.08 -7.62
N CYS A 27 -6.18 -15.63 -8.82
CA CYS A 27 -5.65 -16.56 -9.81
C CYS A 27 -4.34 -17.18 -9.35
N LEU A 28 -3.45 -16.37 -8.77
CA LEU A 28 -2.22 -16.93 -8.22
C LEU A 28 -2.51 -17.89 -7.08
N TRP A 29 -3.47 -17.55 -6.23
CA TRP A 29 -3.85 -18.43 -5.13
C TRP A 29 -4.36 -19.76 -5.66
N ILE A 30 -5.16 -19.72 -6.72
CA ILE A 30 -5.72 -20.95 -7.29
C ILE A 30 -4.62 -21.78 -7.94
N VAL A 31 -3.75 -21.15 -8.72
CA VAL A 31 -2.72 -21.88 -9.46
C VAL A 31 -1.52 -22.25 -8.60
N GLN A 32 -1.43 -21.72 -7.38
CA GLN A 32 -0.26 -21.96 -6.54
C GLN A 32 0.13 -23.43 -6.40
N PRO A 33 -0.77 -24.38 -6.18
CA PRO A 33 -0.34 -25.78 -6.11
C PRO A 33 0.39 -26.26 -7.36
N PHE A 34 0.12 -25.66 -8.51
CA PHE A 34 0.79 -26.06 -9.74
C PHE A 34 1.99 -25.20 -10.08
N ILE A 35 2.15 -24.03 -9.46
CA ILE A 35 3.06 -23.01 -10.00
C ILE A 35 4.48 -23.55 -10.13
N LEU A 36 5.00 -24.15 -9.05
CA LEU A 36 6.37 -24.61 -9.08
C LEU A 36 6.55 -25.71 -10.13
N GLY A 37 5.62 -26.65 -10.18
CA GLY A 37 5.70 -27.68 -11.19
C GLY A 37 5.71 -27.10 -12.58
N PHE A 38 4.85 -26.11 -12.84
CA PHE A 38 4.82 -25.48 -14.14
C PHE A 38 6.14 -24.79 -14.45
N ALA A 39 6.70 -24.11 -13.45
CA ALA A 39 7.96 -23.42 -13.67
C ALA A 39 9.02 -24.42 -14.10
N TRP A 40 9.10 -25.56 -13.43
CA TRP A 40 10.08 -26.56 -13.82
C TRP A 40 9.78 -27.12 -15.20
N ALA A 41 8.52 -27.46 -15.44
CA ALA A 41 8.09 -28.04 -16.70
C ALA A 41 7.78 -26.88 -17.63
N GLY A 42 8.78 -26.50 -18.42
CA GLY A 42 8.76 -25.25 -19.13
C GLY A 42 10.12 -24.62 -18.99
N THR A 43 10.73 -24.65 -17.82
CA THR A 43 12.18 -24.42 -17.79
C THR A 43 12.88 -25.49 -18.60
N VAL A 44 12.56 -26.75 -18.30
CA VAL A 44 13.07 -27.86 -19.08
C VAL A 44 12.68 -27.70 -20.55
N VAL A 45 11.46 -27.27 -20.81
CA VAL A 45 10.99 -27.22 -22.20
C VAL A 45 11.76 -26.16 -22.98
N ILE A 46 12.03 -25.01 -22.37
CA ILE A 46 12.87 -24.03 -23.04
C ILE A 46 14.26 -24.58 -23.23
N ALA A 47 14.75 -25.32 -22.23
CA ALA A 47 16.11 -25.84 -22.28
C ALA A 47 16.30 -26.81 -23.43
N THR A 48 15.34 -27.72 -23.63
CA THR A 48 15.50 -28.81 -24.57
C THR A 48 14.72 -28.62 -25.86
N TRP A 49 14.25 -27.40 -26.13
CA TRP A 49 13.49 -27.18 -27.36
C TRP A 49 14.26 -27.55 -28.62
N PRO A 50 15.54 -27.18 -28.79
CA PRO A 50 16.25 -27.65 -30.00
C PRO A 50 16.30 -29.16 -30.12
N VAL A 51 16.43 -29.87 -28.99
CA VAL A 51 16.39 -31.33 -29.03
C VAL A 51 15.04 -31.80 -29.54
N LEU A 52 13.96 -31.17 -29.08
CA LEU A 52 12.64 -31.54 -29.55
C LEU A 52 12.50 -31.30 -31.05
N LEU A 53 13.07 -30.20 -31.55
CA LEU A 53 13.00 -29.93 -32.98
C LEU A 53 13.79 -30.97 -33.77
N ARG A 54 14.96 -31.37 -33.26
CA ARG A 54 15.73 -32.41 -33.94
C ARG A 54 14.95 -33.72 -33.97
N LEU A 55 14.31 -34.08 -32.87
CA LEU A 55 13.48 -35.29 -32.85
C LEU A 55 12.30 -35.15 -33.82
N GLN A 56 11.70 -33.97 -33.87
CA GLN A 56 10.64 -33.69 -34.83
C GLN A 56 11.10 -33.99 -36.24
N LYS A 57 12.28 -33.49 -36.61
CA LYS A 57 12.83 -33.76 -37.93
C LYS A 57 13.08 -35.24 -38.14
N ILE A 58 13.56 -35.92 -37.10
CA ILE A 58 13.92 -37.34 -37.24
C ILE A 58 12.68 -38.19 -37.49
N MET A 59 11.64 -38.02 -36.68
CA MET A 59 10.50 -38.94 -36.70
C MET A 59 9.37 -38.39 -37.58
N PHE A 60 9.68 -38.30 -38.88
CA PHE A 60 8.70 -38.08 -39.93
C PHE A 60 7.88 -36.80 -39.72
N GLY A 61 8.39 -35.87 -38.93
CA GLY A 61 7.65 -34.63 -38.69
C GLY A 61 6.33 -34.83 -37.99
N ARG A 62 6.29 -35.72 -36.99
CA ARG A 62 5.10 -35.96 -36.20
C ARG A 62 5.34 -35.38 -34.81
N ARG A 63 4.63 -34.31 -34.49
CA ARG A 63 4.81 -33.67 -33.19
C ARG A 63 4.38 -34.58 -32.06
N SER A 64 3.34 -35.40 -32.27
CA SER A 64 2.92 -36.34 -31.24
C SER A 64 4.02 -37.34 -30.91
N LEU A 65 4.67 -37.88 -31.94
CA LEU A 65 5.77 -38.82 -31.71
C LEU A 65 6.92 -38.14 -30.98
N ALA A 66 7.26 -36.91 -31.38
CA ALA A 66 8.33 -36.19 -30.72
C ALA A 66 8.01 -35.94 -29.26
N VAL A 67 6.77 -35.55 -28.96
CA VAL A 67 6.38 -35.31 -27.57
C VAL A 67 6.46 -36.59 -26.77
N LEU A 68 5.96 -37.70 -27.33
CA LEU A 68 6.00 -38.96 -26.62
C LEU A 68 7.43 -39.38 -26.32
N VAL A 69 8.30 -39.32 -27.33
CA VAL A 69 9.68 -39.75 -27.14
C VAL A 69 10.40 -38.84 -26.16
N MET A 70 10.13 -37.53 -26.24
CA MET A 70 10.84 -36.59 -25.37
C MET A 70 10.39 -36.73 -23.93
N THR A 71 9.10 -36.96 -23.70
CA THR A 71 8.63 -37.20 -22.33
C THR A 71 9.16 -38.52 -21.80
N LEU A 72 9.21 -39.56 -22.64
CA LEU A 72 9.80 -40.82 -22.21
C LEU A 72 11.27 -40.64 -21.85
N LEU A 73 11.99 -39.83 -22.63
CA LEU A 73 13.38 -39.53 -22.33
C LEU A 73 13.52 -38.78 -21.01
N LEU A 74 12.61 -37.84 -20.76
CA LEU A 74 12.63 -37.12 -19.49
C LEU A 74 12.41 -38.08 -18.32
N VAL A 75 11.47 -39.02 -18.48
CA VAL A 75 11.25 -40.02 -17.44
C VAL A 75 12.51 -40.85 -17.22
N MET A 76 13.12 -41.30 -18.32
CA MET A 76 14.35 -42.08 -18.21
C MET A 76 15.51 -41.25 -17.66
N VAL A 77 15.38 -39.94 -17.63
CA VAL A 77 16.36 -39.11 -16.93
C VAL A 77 16.04 -39.05 -15.44
N PHE A 78 14.76 -38.95 -15.07
CA PHE A 78 14.40 -38.99 -13.66
C PHE A 78 14.81 -40.31 -13.02
N ILE A 79 14.20 -41.41 -13.48
CA ILE A 79 14.64 -42.74 -13.08
C ILE A 79 16.02 -42.99 -13.68
N ILE A 80 16.84 -43.77 -12.98
CA ILE A 80 18.19 -44.11 -13.42
C ILE A 80 19.03 -42.86 -13.56
N PHE A 163 11.70 -40.50 -8.34
CA PHE A 163 10.52 -40.09 -7.59
C PHE A 163 9.44 -39.52 -8.52
N MET A 164 8.57 -40.41 -9.01
CA MET A 164 7.48 -40.00 -9.88
C MET A 164 6.39 -39.27 -9.12
N VAL A 165 6.15 -39.63 -7.86
CA VAL A 165 5.18 -38.91 -7.04
C VAL A 165 5.63 -37.45 -6.92
N HIS A 166 4.64 -36.56 -6.89
CA HIS A 166 4.82 -35.11 -6.84
C HIS A 166 5.62 -34.60 -8.03
N CYS A 167 5.89 -35.47 -9.00
CA CYS A 167 6.50 -35.09 -10.25
C CYS A 167 5.68 -35.48 -11.47
N ALA A 168 4.62 -36.27 -11.28
CA ALA A 168 3.75 -36.59 -12.41
C ALA A 168 3.10 -35.33 -12.96
N LEU A 169 2.79 -34.37 -12.09
CA LEU A 169 2.31 -33.08 -12.57
C LEU A 169 3.36 -32.37 -13.42
N MET A 170 4.63 -32.44 -13.00
CA MET A 170 5.71 -31.86 -13.79
C MET A 170 5.81 -32.53 -15.15
N LEU A 171 5.73 -33.86 -15.19
CA LEU A 171 5.78 -34.56 -16.47
C LEU A 171 4.59 -34.20 -17.34
N LEU A 172 3.40 -34.07 -16.76
CA LEU A 172 2.23 -33.71 -17.54
C LEU A 172 2.38 -32.32 -18.15
N PHE A 173 2.84 -31.35 -17.35
CA PHE A 173 3.04 -30.01 -17.88
C PHE A 173 4.13 -29.99 -18.94
N SER A 174 5.20 -30.77 -18.74
CA SER A 174 6.23 -30.86 -19.77
C SER A 174 5.68 -31.41 -21.07
N ALA A 175 4.85 -32.45 -20.99
CA ALA A 175 4.27 -33.00 -22.21
C ALA A 175 3.35 -31.99 -22.89
N LEU A 176 2.54 -31.28 -22.11
CA LEU A 176 1.65 -30.28 -22.70
C LEU A 176 2.46 -29.19 -23.38
N LEU A 177 3.49 -28.68 -22.72
CA LEU A 177 4.28 -27.61 -23.30
C LEU A 177 5.09 -28.09 -24.49
N TYR A 178 5.50 -29.35 -24.51
CA TYR A 178 6.13 -29.88 -25.71
C TYR A 178 5.14 -29.96 -26.86
N TRP A 179 3.88 -30.26 -26.55
CA TRP A 179 2.87 -30.38 -27.58
C TRP A 179 2.48 -29.01 -28.15
N ARG A 180 2.40 -27.99 -27.30
CA ARG A 180 1.95 -26.67 -27.70
C ARG A 180 2.96 -25.60 -27.30
N GLY A 181 4.24 -25.86 -27.55
CA GLY A 181 5.26 -24.90 -27.17
C GLY A 181 5.18 -23.60 -27.95
N GLU A 182 4.96 -23.70 -29.27
CA GLU A 182 4.91 -22.50 -30.08
C GLU A 182 3.75 -21.60 -29.68
N GLN A 183 2.60 -22.19 -29.37
CA GLN A 183 1.46 -21.38 -28.96
C GLN A 183 1.74 -20.65 -27.65
N VAL A 184 2.33 -21.34 -26.68
CA VAL A 184 2.61 -20.71 -25.40
C VAL A 184 3.69 -19.63 -25.56
N ALA A 185 4.69 -19.88 -26.40
CA ALA A 185 5.70 -18.87 -26.65
C ALA A 185 5.09 -17.64 -27.31
N GLN A 186 4.20 -17.85 -28.29
CA GLN A 186 3.52 -16.73 -28.92
C GLN A 186 2.69 -15.96 -27.91
N GLY A 187 1.98 -16.66 -27.03
CA GLY A 187 1.18 -15.98 -26.02
C GLY A 187 2.03 -15.16 -25.08
N ILE A 188 3.14 -15.72 -24.61
CA ILE A 188 4.01 -14.99 -23.68
C ILE A 188 4.60 -13.77 -24.36
N ARG A 189 5.09 -13.93 -25.59
CA ARG A 189 5.70 -12.81 -26.28
C ARG A 189 4.66 -11.74 -26.60
N HIS A 190 3.43 -12.16 -26.90
CA HIS A 190 2.39 -11.19 -27.25
C HIS A 190 1.91 -10.43 -26.03
N PHE A 191 1.82 -11.10 -24.88
CA PHE A 191 1.53 -10.40 -23.63
C PHE A 191 2.64 -9.42 -23.29
N ALA A 192 3.89 -9.84 -23.46
CA ALA A 192 5.01 -8.93 -23.18
C ALA A 192 5.00 -7.74 -24.11
N THR A 193 4.68 -7.97 -25.39
CA THR A 193 4.56 -6.88 -26.34
C THR A 193 3.48 -5.91 -25.92
N ARG A 194 2.34 -6.43 -25.43
CA ARG A 194 1.32 -5.52 -24.93
C ARG A 194 1.81 -4.71 -23.75
N LEU A 195 2.51 -5.35 -22.80
CA LEU A 195 3.05 -4.58 -21.68
C LEU A 195 4.06 -3.55 -22.15
N ALA A 196 5.17 -4.00 -22.71
CA ALA A 196 6.19 -3.13 -23.26
C ALA A 196 6.32 -3.40 -24.75
N GLY A 197 6.32 -2.34 -25.54
CA GLY A 197 6.22 -2.47 -26.99
C GLY A 197 7.15 -3.48 -27.62
N VAL A 198 8.44 -3.20 -27.60
CA VAL A 198 9.42 -4.10 -28.21
C VAL A 198 10.39 -4.53 -27.13
N ARG A 199 10.51 -3.73 -26.07
CA ARG A 199 11.38 -4.11 -24.96
C ARG A 199 10.90 -5.38 -24.27
N GLY A 200 9.58 -5.56 -24.17
CA GLY A 200 9.07 -6.77 -23.56
C GLY A 200 9.36 -8.02 -24.39
N ASP A 201 9.20 -7.92 -25.70
CA ASP A 201 9.51 -9.06 -26.57
C ASP A 201 10.98 -9.45 -26.47
N ALA A 202 11.87 -8.45 -26.51
CA ALA A 202 13.28 -8.73 -26.34
C ALA A 202 13.58 -9.29 -24.98
N ALA A 203 12.87 -8.84 -23.94
CA ALA A 203 13.06 -9.39 -22.61
C ALA A 203 12.69 -10.87 -22.56
N VAL A 204 11.58 -11.23 -23.19
CA VAL A 204 11.16 -12.63 -23.19
C VAL A 204 12.17 -13.49 -23.93
N LEU A 205 12.62 -13.01 -25.10
CA LEU A 205 13.61 -13.77 -25.86
C LEU A 205 14.91 -13.91 -25.06
N LEU A 206 15.30 -12.85 -24.36
CA LEU A 206 16.49 -12.92 -23.52
C LEU A 206 16.32 -13.92 -22.38
N ALA A 207 15.14 -13.95 -21.78
CA ALA A 207 14.90 -14.90 -20.69
C ALA A 207 15.01 -16.32 -21.20
N ALA A 208 14.45 -16.60 -22.37
CA ALA A 208 14.62 -17.93 -22.96
C ALA A 208 16.09 -18.21 -23.22
N GLN A 209 16.83 -17.23 -23.72
CA GLN A 209 18.23 -17.43 -24.04
C GLN A 209 19.03 -17.73 -22.78
N ALA A 210 18.74 -17.02 -21.69
CA ALA A 210 19.42 -17.23 -20.43
C ALA A 210 19.09 -18.60 -19.84
N ILE A 211 17.83 -19.02 -19.94
CA ILE A 211 17.47 -20.35 -19.47
C ILE A 211 18.25 -21.41 -20.25
N ARG A 212 18.34 -21.25 -21.56
CA ARG A 212 19.10 -22.19 -22.37
C ARG A 212 20.57 -22.23 -21.95
N ALA A 213 21.15 -21.05 -21.71
CA ALA A 213 22.55 -20.99 -21.30
C ALA A 213 22.77 -21.70 -19.97
N VAL A 214 21.95 -21.39 -18.97
CA VAL A 214 22.11 -21.99 -17.66
C VAL A 214 21.89 -23.49 -17.73
N ALA A 215 20.93 -23.93 -18.55
CA ALA A 215 20.67 -25.36 -18.67
C ALA A 215 21.86 -26.08 -19.30
N LEU A 216 22.47 -25.49 -20.33
CA LEU A 216 23.66 -26.12 -20.90
C LEU A 216 24.78 -26.16 -19.87
N GLY A 217 24.93 -25.10 -19.08
CA GLY A 217 25.93 -25.12 -18.02
C GLY A 217 25.69 -26.24 -17.03
N VAL A 218 24.44 -26.44 -16.63
CA VAL A 218 24.10 -27.48 -15.67
C VAL A 218 24.36 -28.87 -16.26
N VAL A 219 24.00 -29.06 -17.52
CA VAL A 219 24.25 -30.34 -18.17
C VAL A 219 25.74 -30.63 -18.24
N VAL A 220 26.54 -29.62 -18.59
CA VAL A 220 27.98 -29.82 -18.64
C VAL A 220 28.54 -30.10 -17.25
N THR A 221 28.00 -29.44 -16.22
CA THR A 221 28.44 -29.71 -14.85
C THR A 221 28.16 -31.15 -14.47
N ALA A 222 26.96 -31.65 -14.77
CA ALA A 222 26.63 -33.02 -14.44
C ALA A 222 27.52 -34.00 -15.21
N LEU A 223 27.78 -33.71 -16.48
CA LEU A 223 28.65 -34.58 -17.27
C LEU A 223 30.06 -34.61 -16.70
N VAL A 224 30.59 -33.45 -16.31
CA VAL A 224 31.94 -33.40 -15.76
C VAL A 224 32.00 -34.10 -14.42
N GLN A 225 30.95 -33.96 -13.60
CA GLN A 225 30.91 -34.69 -12.34
C GLN A 225 30.90 -36.19 -12.58
N ALA A 226 30.14 -36.66 -13.58
CA ALA A 226 30.13 -38.07 -13.91
C ALA A 226 31.50 -38.55 -14.38
N VAL A 227 32.18 -37.73 -15.19
CA VAL A 227 33.51 -38.10 -15.66
C VAL A 227 34.48 -38.19 -14.49
N LEU A 228 34.43 -37.21 -13.58
CA LEU A 228 35.29 -37.23 -12.41
C LEU A 228 34.88 -38.30 -11.40
N GLY A 229 33.71 -38.92 -11.58
CA GLY A 229 33.32 -40.01 -10.70
C GLY A 229 34.29 -41.17 -10.76
N GLY A 230 34.83 -41.45 -11.93
CA GLY A 230 35.83 -42.50 -12.10
C GLY A 230 35.22 -43.88 -12.33
N THR A 276 28.39 -30.01 -5.29
CA THR A 276 27.71 -29.52 -6.48
C THR A 276 27.77 -28.00 -6.55
N TRP A 277 27.98 -27.36 -5.40
CA TRP A 277 28.04 -25.91 -5.37
C TRP A 277 29.22 -25.39 -6.18
N GLY A 278 30.43 -25.89 -5.91
CA GLY A 278 31.60 -25.40 -6.60
C GLY A 278 31.73 -25.92 -8.02
N THR A 279 31.17 -27.09 -8.30
CA THR A 279 31.30 -27.67 -9.63
C THR A 279 30.59 -26.82 -10.68
N VAL A 280 29.38 -26.33 -10.38
CA VAL A 280 28.65 -25.49 -11.33
C VAL A 280 29.43 -24.23 -11.62
N LEU A 281 29.96 -23.58 -10.58
CA LEU A 281 30.71 -22.34 -10.74
C LEU A 281 31.98 -22.56 -11.56
N LEU A 282 32.72 -23.63 -11.26
CA LEU A 282 33.94 -23.93 -12.00
C LEU A 282 33.62 -24.22 -13.45
N VAL A 283 32.55 -24.98 -13.70
CA VAL A 283 32.15 -25.29 -15.07
C VAL A 283 31.76 -24.01 -15.80
N TRP A 284 31.06 -23.09 -15.13
CA TRP A 284 30.69 -21.84 -15.76
C TRP A 284 31.91 -21.02 -16.12
N SER A 285 32.90 -20.95 -15.22
CA SER A 285 34.12 -20.23 -15.55
C SER A 285 34.85 -20.88 -16.72
N GLY A 286 34.92 -22.22 -16.73
CA GLY A 286 35.62 -22.91 -17.81
C GLY A 286 34.93 -22.77 -19.15
N VAL A 287 33.60 -22.73 -19.15
CA VAL A 287 32.85 -22.71 -20.40
C VAL A 287 33.08 -21.40 -21.15
N VAL A 288 33.07 -20.27 -20.43
CA VAL A 288 33.08 -18.97 -21.08
C VAL A 288 34.30 -18.12 -20.72
N GLY A 289 35.05 -18.47 -19.67
CA GLY A 289 36.19 -17.67 -19.25
C GLY A 289 37.22 -17.45 -20.34
N THR A 290 37.91 -18.52 -20.74
CA THR A 290 38.82 -18.45 -21.88
C THR A 290 38.19 -18.92 -23.17
N LEU A 291 37.09 -19.68 -23.10
CA LEU A 291 36.36 -20.14 -24.27
C LEU A 291 35.15 -19.24 -24.47
N ASP A 292 35.37 -18.13 -25.17
CA ASP A 292 34.30 -17.16 -25.35
C ASP A 292 33.22 -17.70 -26.26
N ASN A 293 33.54 -17.89 -27.55
CA ASN A 293 32.60 -18.49 -28.48
C ASN A 293 33.21 -19.46 -29.48
N VAL A 294 34.54 -19.59 -29.54
CA VAL A 294 35.19 -20.16 -30.73
C VAL A 294 35.04 -21.69 -30.77
N ILE A 295 35.60 -22.40 -29.79
CA ILE A 295 35.60 -23.85 -29.84
C ILE A 295 34.19 -24.37 -29.63
N ARG A 296 33.88 -25.51 -30.25
CA ARG A 296 32.52 -26.01 -30.37
C ARG A 296 31.66 -24.91 -30.99
N PRO A 297 31.82 -24.65 -32.29
CA PRO A 297 31.22 -23.43 -32.87
C PRO A 297 29.70 -23.47 -32.82
N MET A 298 29.12 -22.26 -32.81
CA MET A 298 27.67 -22.02 -32.75
C MET A 298 26.98 -22.86 -31.68
N LEU A 299 27.72 -23.28 -30.66
CA LEU A 299 27.17 -24.08 -29.59
C LEU A 299 27.25 -23.41 -28.22
N ILE A 300 28.20 -22.50 -28.01
CA ILE A 300 28.26 -21.73 -26.78
C ILE A 300 27.92 -20.29 -27.15
N ARG A 301 27.09 -20.12 -28.18
CA ARG A 301 26.65 -18.79 -28.55
C ARG A 301 25.63 -18.22 -27.57
N MET A 302 25.24 -19.00 -26.54
CA MET A 302 24.41 -18.46 -25.48
C MET A 302 25.13 -17.35 -24.73
N GLY A 303 26.34 -17.62 -24.26
CA GLY A 303 27.08 -16.65 -23.47
C GLY A 303 27.57 -15.46 -24.25
N ALA A 304 27.57 -15.52 -25.58
CA ALA A 304 28.04 -14.40 -26.39
C ALA A 304 27.15 -13.18 -26.24
N ASP A 305 25.89 -13.37 -25.83
CA ASP A 305 24.95 -12.27 -25.70
C ASP A 305 24.65 -11.93 -24.25
N LEU A 306 25.28 -12.60 -23.29
CA LEU A 306 24.93 -12.43 -21.89
C LEU A 306 26.17 -12.15 -21.06
N PRO A 307 26.03 -11.32 -20.02
CA PRO A 307 27.20 -11.00 -19.19
C PRO A 307 27.59 -12.17 -18.30
N LEU A 308 28.90 -12.35 -18.15
CA LEU A 308 29.41 -13.37 -17.24
C LEU A 308 29.00 -13.08 -15.80
N ILE A 309 29.27 -11.86 -15.34
CA ILE A 309 28.98 -11.49 -13.96
C ILE A 309 27.48 -11.65 -13.67
N LEU A 310 26.65 -11.27 -14.64
CA LEU A 310 25.21 -11.34 -14.44
C LEU A 310 24.75 -12.78 -14.23
N ILE A 311 25.21 -13.69 -15.08
CA ILE A 311 24.82 -15.11 -14.95
C ILE A 311 25.35 -15.69 -13.66
N LEU A 312 26.61 -15.41 -13.32
CA LEU A 312 27.21 -15.98 -12.12
C LEU A 312 26.47 -15.51 -10.87
N SER A 313 26.26 -14.20 -10.77
CA SER A 313 25.56 -13.66 -9.61
C SER A 313 24.12 -14.14 -9.57
N GLY A 314 23.46 -14.26 -10.72
CA GLY A 314 22.11 -14.76 -10.74
C GLY A 314 22.02 -16.19 -10.24
N VAL A 315 22.94 -17.04 -10.69
CA VAL A 315 22.94 -18.43 -10.24
C VAL A 315 23.14 -18.49 -8.73
N ILE A 316 24.14 -17.77 -8.21
CA ILE A 316 24.44 -17.86 -6.78
C ILE A 316 23.27 -17.32 -5.97
N GLY A 317 22.77 -16.13 -6.33
CA GLY A 317 21.67 -15.56 -5.58
C GLY A 317 20.39 -16.36 -5.68
N GLY A 318 20.14 -16.97 -6.83
CA GLY A 318 18.96 -17.82 -6.95
C GLY A 318 19.06 -19.07 -6.08
N LEU A 319 20.22 -19.72 -6.08
CA LEU A 319 20.40 -20.87 -5.20
C LEU A 319 20.21 -20.47 -3.75
N ILE A 320 20.79 -19.35 -3.34
CA ILE A 320 20.71 -18.96 -1.93
C ILE A 320 19.28 -18.55 -1.57
N ALA A 321 18.59 -17.88 -2.47
CA ALA A 321 17.29 -17.30 -2.15
C ALA A 321 16.14 -18.27 -2.38
N PHE A 322 16.03 -18.83 -3.58
CA PHE A 322 14.92 -19.70 -3.93
C PHE A 322 15.24 -21.18 -3.76
N GLY A 323 16.39 -21.63 -4.28
CA GLY A 323 16.85 -22.96 -3.98
C GLY A 323 16.57 -23.96 -5.09
N MET A 324 17.59 -24.22 -5.92
CA MET A 324 17.57 -25.26 -6.95
C MET A 324 16.62 -24.89 -8.07
N ILE A 325 15.79 -23.88 -7.86
CA ILE A 325 14.99 -23.29 -8.92
C ILE A 325 15.43 -21.86 -9.22
N GLY A 326 15.96 -21.15 -8.22
CA GLY A 326 16.65 -19.91 -8.50
C GLY A 326 17.88 -20.12 -9.38
N LEU A 327 18.31 -21.37 -9.53
CA LEU A 327 19.35 -21.67 -10.50
C LEU A 327 18.97 -21.19 -11.89
N PHE A 328 17.68 -21.15 -12.18
CA PHE A 328 17.18 -20.59 -13.44
C PHE A 328 16.46 -19.27 -13.26
N ILE A 329 15.83 -19.04 -12.11
CA ILE A 329 15.10 -17.80 -11.89
C ILE A 329 16.07 -16.62 -11.77
N GLY A 330 17.15 -16.81 -11.02
CA GLY A 330 18.12 -15.76 -10.77
C GLY A 330 18.70 -15.17 -12.04
N PRO A 331 19.32 -16.02 -12.87
CA PRO A 331 19.83 -15.51 -14.15
C PRO A 331 18.76 -14.85 -14.99
N VAL A 332 17.56 -15.42 -15.04
CA VAL A 332 16.49 -14.84 -15.86
C VAL A 332 16.10 -13.47 -15.32
N LEU A 333 15.84 -13.37 -14.03
CA LEU A 333 15.43 -12.09 -13.46
C LEU A 333 16.51 -11.04 -13.65
N LEU A 334 17.76 -11.41 -13.36
CA LEU A 334 18.83 -10.42 -13.46
C LEU A 334 19.05 -10.00 -14.91
N ALA A 335 19.05 -10.94 -15.86
CA ALA A 335 19.28 -10.58 -17.25
C ALA A 335 18.15 -9.72 -17.79
N VAL A 336 16.90 -10.10 -17.49
CA VAL A 336 15.76 -9.33 -17.99
C VAL A 336 15.76 -7.94 -17.39
N SER A 337 15.98 -7.84 -16.07
CA SER A 337 15.99 -6.54 -15.43
C SER A 337 17.13 -5.69 -15.96
N TRP A 338 18.30 -6.28 -16.18
CA TRP A 338 19.41 -5.51 -16.69
C TRP A 338 19.13 -4.99 -18.08
N ARG A 339 18.57 -5.82 -18.96
CA ARG A 339 18.27 -5.34 -20.31
C ARG A 339 17.21 -4.26 -20.29
N LEU A 340 16.16 -4.45 -19.49
CA LEU A 340 15.11 -3.44 -19.42
C LEU A 340 15.65 -2.12 -18.89
N PHE A 341 16.43 -2.17 -17.82
CA PHE A 341 16.94 -0.93 -17.23
C PHE A 341 17.98 -0.28 -18.13
N ALA A 342 18.80 -1.08 -18.81
CA ALA A 342 19.76 -0.50 -19.75
C ALA A 342 19.05 0.22 -20.89
N ALA A 343 18.04 -0.44 -21.47
CA ALA A 343 17.30 0.18 -22.56
C ALA A 343 16.59 1.44 -22.09
N TRP A 344 16.02 1.39 -20.89
CA TRP A 344 15.31 2.55 -20.35
C TRP A 344 16.27 3.71 -20.09
N VAL A 345 17.44 3.42 -19.52
CA VAL A 345 18.37 4.47 -19.14
C VAL A 345 19.04 5.07 -20.36
N GLU A 346 19.28 4.26 -21.40
CA GLU A 346 19.95 4.79 -22.59
C GLU A 346 19.09 5.78 -23.36
N GLU A 347 17.83 5.97 -22.99
CA GLU A 347 16.99 6.91 -23.73
C GLU A 347 17.52 8.34 -23.65
N VAL A 348 17.95 8.76 -22.46
CA VAL A 348 18.56 10.07 -22.30
C VAL A 348 20.03 9.97 -22.67
N PRO A 349 20.67 11.06 -23.12
CA PRO A 349 22.10 10.98 -23.43
C PRO A 349 22.91 10.82 -22.16
N PRO A 350 24.09 10.21 -22.25
CA PRO A 350 24.92 10.06 -21.07
C PRO A 350 25.36 11.42 -20.55
N PRO A 351 25.53 11.56 -19.23
CA PRO A 351 25.96 12.85 -18.69
C PRO A 351 27.34 13.23 -19.18
N THR A 352 27.52 14.50 -19.48
CA THR A 352 28.82 15.00 -19.89
C THR A 352 29.75 15.10 -18.68
N ASP A 353 31.04 14.86 -18.93
CA ASP A 353 32.01 14.93 -17.86
C ASP A 353 32.13 16.34 -17.29
N GLN A 354 32.04 17.35 -18.15
CA GLN A 354 32.16 18.73 -17.72
C GLN A 354 30.98 19.15 -16.85
N PRO B 7 -5.12 7.45 -24.51
CA PRO B 7 -4.63 7.32 -23.14
C PRO B 7 -4.37 5.87 -22.76
N ARG B 8 -3.33 5.63 -21.96
CA ARG B 8 -3.06 4.29 -21.48
C ARG B 8 -4.16 3.82 -20.54
N ASP B 9 -4.57 2.57 -20.68
CA ASP B 9 -5.63 2.04 -19.85
C ASP B 9 -5.09 1.68 -18.47
N VAL B 10 -6.02 1.46 -17.54
CA VAL B 10 -5.64 1.13 -16.17
C VAL B 10 -4.92 -0.20 -16.11
N ALA B 11 -5.30 -1.15 -16.97
CA ALA B 11 -4.70 -2.48 -16.92
C ALA B 11 -3.20 -2.41 -17.20
N GLN B 12 -2.80 -1.65 -18.24
CA GLN B 12 -1.39 -1.57 -18.57
C GLN B 12 -0.61 -0.89 -17.46
N ILE B 13 -1.14 0.20 -16.91
CA ILE B 13 -0.42 0.91 -15.84
C ILE B 13 -0.25 0.01 -14.63
N LEU B 14 -1.33 -0.67 -14.23
CA LEU B 14 -1.26 -1.53 -13.05
C LEU B 14 -0.31 -2.69 -13.29
N LEU B 15 -0.37 -3.32 -14.47
CA LEU B 15 0.51 -4.44 -14.74
C LEU B 15 1.97 -4.01 -14.84
N SER B 16 2.23 -2.83 -15.41
CA SER B 16 3.59 -2.33 -15.46
C SER B 16 4.12 -2.05 -14.06
N VAL B 17 3.31 -1.42 -13.21
CA VAL B 17 3.74 -1.16 -11.84
C VAL B 17 4.00 -2.46 -11.11
N LEU B 18 3.09 -3.43 -11.25
CA LEU B 18 3.23 -4.70 -10.56
C LEU B 18 4.45 -5.47 -11.04
N PHE B 19 4.69 -5.49 -12.35
CA PHE B 19 5.84 -6.21 -12.88
C PHE B 19 7.15 -5.54 -12.48
N LEU B 20 7.19 -4.21 -12.51
CA LEU B 20 8.39 -3.51 -12.07
C LEU B 20 8.65 -3.74 -10.60
N ALA B 21 7.60 -3.74 -9.78
CA ALA B 21 7.78 -4.02 -8.35
C ALA B 21 8.29 -5.44 -8.14
N ILE B 22 7.75 -6.41 -8.87
CA ILE B 22 8.23 -7.78 -8.75
C ILE B 22 9.69 -7.88 -9.18
N MET B 23 10.04 -7.24 -10.29
CA MET B 23 11.42 -7.29 -10.76
C MET B 23 12.37 -6.68 -9.75
N ILE B 24 12.01 -5.52 -9.19
CA ILE B 24 12.88 -4.86 -8.22
C ILE B 24 13.02 -5.72 -6.97
N VAL B 25 11.90 -6.22 -6.45
CA VAL B 25 11.94 -7.00 -5.22
C VAL B 25 12.72 -8.29 -5.43
N ALA B 26 12.50 -8.97 -6.55
CA ALA B 26 13.22 -10.20 -6.84
C ALA B 26 14.71 -9.94 -7.02
N CYS B 27 15.07 -8.84 -7.70
CA CYS B 27 16.49 -8.56 -7.88
C CYS B 27 17.17 -8.24 -6.55
N LEU B 28 16.52 -7.47 -5.69
CA LEU B 28 17.08 -7.23 -4.36
C LEU B 28 17.18 -8.52 -3.56
N TRP B 29 16.17 -9.37 -3.67
CA TRP B 29 16.20 -10.66 -2.97
C TRP B 29 17.37 -11.50 -3.45
N ILE B 30 17.62 -11.51 -4.75
CA ILE B 30 18.70 -12.30 -5.30
C ILE B 30 20.06 -11.74 -4.89
N VAL B 31 20.22 -10.42 -4.96
CA VAL B 31 21.51 -9.78 -4.67
C VAL B 31 21.76 -9.61 -3.18
N GLN B 32 20.75 -9.83 -2.35
CA GLN B 32 20.89 -9.60 -0.91
C GLN B 32 22.12 -10.23 -0.27
N PRO B 33 22.48 -11.49 -0.55
CA PRO B 33 23.71 -12.03 0.04
C PRO B 33 24.95 -11.22 -0.27
N PHE B 34 24.96 -10.49 -1.39
CA PHE B 34 26.12 -9.69 -1.75
C PHE B 34 26.00 -8.23 -1.34
N ILE B 35 24.79 -7.75 -1.01
CA ILE B 35 24.54 -6.31 -0.97
C ILE B 35 25.49 -5.62 -0.01
N LEU B 36 25.59 -6.12 1.22
CA LEU B 36 26.42 -5.45 2.21
C LEU B 36 27.88 -5.44 1.79
N GLY B 37 28.36 -6.59 1.29
CA GLY B 37 29.73 -6.64 0.81
C GLY B 37 29.97 -5.63 -0.28
N PHE B 38 29.03 -5.52 -1.22
CA PHE B 38 29.18 -4.56 -2.30
C PHE B 38 29.20 -3.14 -1.75
N ALA B 39 28.32 -2.85 -0.80
CA ALA B 39 28.29 -1.51 -0.22
C ALA B 39 29.65 -1.16 0.35
N TRP B 40 30.25 -2.09 1.11
CA TRP B 40 31.56 -1.82 1.68
C TRP B 40 32.61 -1.67 0.59
N ALA B 41 32.59 -2.58 -0.38
CA ALA B 41 33.56 -2.60 -1.46
C ALA B 41 33.00 -1.69 -2.55
N GLY B 42 33.43 -0.45 -2.51
CA GLY B 42 32.77 0.59 -3.26
C GLY B 42 32.62 1.80 -2.38
N THR B 43 32.26 1.63 -1.11
CA THR B 43 32.51 2.71 -0.16
C THR B 43 34.01 2.95 -0.07
N VAL B 44 34.76 1.88 0.16
CA VAL B 44 36.22 1.97 0.15
C VAL B 44 36.71 2.51 -1.19
N VAL B 45 36.10 2.05 -2.29
CA VAL B 45 36.61 2.43 -3.60
C VAL B 45 36.42 3.92 -3.85
N ILE B 46 35.27 4.47 -3.44
CA ILE B 46 35.07 5.91 -3.53
C ILE B 46 36.07 6.62 -2.63
N ALA B 47 36.30 6.05 -1.45
CA ALA B 47 37.18 6.68 -0.48
C ALA B 47 38.61 6.81 -1.00
N THR B 48 39.12 5.75 -1.62
CA THR B 48 40.54 5.67 -1.98
C THR B 48 40.78 5.89 -3.46
N TRP B 49 39.80 6.40 -4.19
CA TRP B 49 39.99 6.61 -5.63
C TRP B 49 41.17 7.51 -5.95
N PRO B 50 41.38 8.66 -5.29
CA PRO B 50 42.59 9.44 -5.59
C PRO B 50 43.88 8.68 -5.36
N VAL B 51 43.92 7.83 -4.33
CA VAL B 51 45.09 6.98 -4.11
C VAL B 51 45.30 6.06 -5.29
N LEU B 52 44.21 5.49 -5.81
CA LEU B 52 44.32 4.60 -6.96
C LEU B 52 44.85 5.37 -8.18
N LEU B 53 44.40 6.61 -8.35
CA LEU B 53 44.89 7.40 -9.48
C LEU B 53 46.37 7.73 -9.33
N ARG B 54 46.80 8.04 -8.11
CA ARG B 54 48.23 8.28 -7.89
C ARG B 54 49.05 7.03 -8.19
N LEU B 55 48.57 5.86 -7.75
CA LEU B 55 49.26 4.62 -8.08
C LEU B 55 49.28 4.37 -9.58
N GLN B 56 48.16 4.67 -10.25
CA GLN B 56 48.08 4.58 -11.70
C GLN B 56 49.18 5.39 -12.34
N LYS B 57 49.34 6.64 -11.90
CA LYS B 57 50.40 7.49 -12.44
C LYS B 57 51.78 6.91 -12.14
N ILE B 58 51.96 6.34 -10.96
CA ILE B 58 53.26 5.85 -10.55
C ILE B 58 53.69 4.66 -11.41
N MET B 59 52.81 3.67 -11.56
CA MET B 59 53.19 2.40 -12.17
C MET B 59 52.83 2.38 -13.66
N PHE B 60 53.52 3.25 -14.40
CA PHE B 60 53.55 3.23 -15.86
C PHE B 60 52.17 3.32 -16.48
N GLY B 61 51.18 3.81 -15.75
CA GLY B 61 49.83 3.90 -16.30
C GLY B 61 49.23 2.56 -16.65
N ARG B 62 49.41 1.56 -15.80
CA ARG B 62 48.83 0.24 -15.99
C ARG B 62 47.73 0.06 -14.94
N ARG B 63 46.48 0.06 -15.38
CA ARG B 63 45.36 -0.09 -14.45
C ARG B 63 45.40 -1.45 -13.75
N SER B 64 45.82 -2.49 -14.46
CA SER B 64 45.92 -3.80 -13.82
C SER B 64 46.91 -3.79 -12.66
N LEU B 65 48.07 -3.18 -12.87
CA LEU B 65 49.05 -3.09 -11.79
C LEU B 65 48.52 -2.28 -10.62
N ALA B 66 47.84 -1.17 -10.90
CA ALA B 66 47.28 -0.35 -9.84
C ALA B 66 46.22 -1.12 -9.05
N VAL B 67 45.37 -1.88 -9.75
CA VAL B 67 44.35 -2.66 -9.07
C VAL B 67 44.99 -3.73 -8.20
N LEU B 68 46.00 -4.42 -8.73
CA LEU B 68 46.67 -5.46 -7.96
C LEU B 68 47.31 -4.88 -6.70
N VAL B 69 48.06 -3.79 -6.85
CA VAL B 69 48.74 -3.20 -5.71
C VAL B 69 47.74 -2.66 -4.70
N MET B 70 46.65 -2.06 -5.17
CA MET B 70 45.69 -1.48 -4.25
C MET B 70 44.93 -2.54 -3.49
N THR B 71 44.57 -3.65 -4.15
CA THR B 71 43.93 -4.75 -3.45
C THR B 71 44.88 -5.41 -2.46
N LEU B 72 46.15 -5.56 -2.83
CA LEU B 72 47.14 -6.08 -1.90
C LEU B 72 47.27 -5.17 -0.69
N LEU B 73 47.25 -3.85 -0.92
CA LEU B 73 47.32 -2.91 0.19
C LEU B 73 46.09 -3.03 1.08
N LEU B 74 44.91 -3.21 0.48
CA LEU B 74 43.70 -3.40 1.27
C LEU B 74 43.81 -4.65 2.14
N VAL B 75 44.34 -5.73 1.57
CA VAL B 75 44.55 -6.96 2.34
C VAL B 75 45.51 -6.70 3.49
N MET B 76 46.62 -6.01 3.21
CA MET B 76 47.58 -5.68 4.26
C MET B 76 47.01 -4.70 5.28
N VAL B 77 45.89 -4.05 4.97
CA VAL B 77 45.19 -3.27 5.98
C VAL B 77 44.29 -4.17 6.83
N PHE B 78 43.61 -5.13 6.20
CA PHE B 78 42.82 -6.08 6.99
C PHE B 78 43.69 -6.87 7.95
N ILE B 79 44.60 -7.68 7.41
CA ILE B 79 45.60 -8.32 8.25
C ILE B 79 46.55 -7.25 8.79
N ILE B 80 47.07 -7.50 10.00
CA ILE B 80 48.00 -6.57 10.64
C ILE B 80 47.34 -5.22 10.89
N PHE B 163 40.46 -11.29 9.26
CA PHE B 163 39.38 -12.21 8.92
C PHE B 163 39.06 -12.16 7.43
N MET B 164 39.74 -13.02 6.66
CA MET B 164 39.50 -13.08 5.23
C MET B 164 38.18 -13.76 4.91
N VAL B 165 37.76 -14.74 5.72
CA VAL B 165 36.46 -15.36 5.52
C VAL B 165 35.37 -14.29 5.64
N HIS B 166 34.32 -14.45 4.83
CA HIS B 166 33.19 -13.53 4.71
C HIS B 166 33.64 -12.14 4.30
N CYS B 167 34.92 -12.00 3.95
CA CYS B 167 35.44 -10.76 3.40
C CYS B 167 36.10 -10.95 2.05
N ALA B 168 36.31 -12.20 1.61
CA ALA B 168 36.86 -12.43 0.28
C ALA B 168 35.92 -11.88 -0.80
N LEU B 169 34.61 -11.95 -0.55
CA LEU B 169 33.67 -11.31 -1.46
C LEU B 169 33.87 -9.80 -1.48
N MET B 170 34.12 -9.19 -0.32
CA MET B 170 34.40 -7.77 -0.27
C MET B 170 35.65 -7.43 -1.06
N LEU B 171 36.72 -8.22 -0.89
CA LEU B 171 37.93 -7.97 -1.64
C LEU B 171 37.71 -8.13 -3.14
N LEU B 172 36.93 -9.13 -3.54
CA LEU B 172 36.66 -9.34 -4.95
C LEU B 172 35.90 -8.15 -5.55
N PHE B 173 34.87 -7.68 -4.84
CA PHE B 173 34.13 -6.53 -5.34
C PHE B 173 35.00 -5.29 -5.37
N SER B 174 35.87 -5.11 -4.37
CA SER B 174 36.78 -3.98 -4.39
C SER B 174 37.70 -4.03 -5.59
N ALA B 175 38.23 -5.21 -5.90
CA ALA B 175 39.11 -5.35 -7.06
C ALA B 175 38.35 -5.04 -8.35
N LEU B 176 37.13 -5.56 -8.47
CA LEU B 176 36.34 -5.30 -9.68
C LEU B 176 36.06 -3.81 -9.83
N LEU B 177 35.66 -3.15 -8.74
CA LEU B 177 35.34 -1.74 -8.83
C LEU B 177 36.59 -0.89 -9.06
N TYR B 178 37.75 -1.34 -8.56
CA TYR B 178 38.98 -0.63 -8.90
C TYR B 178 39.29 -0.80 -10.37
N TRP B 179 38.97 -1.96 -10.94
CA TRP B 179 39.27 -2.20 -12.34
C TRP B 179 38.35 -1.41 -13.26
N ARG B 180 37.08 -1.30 -12.89
CA ARG B 180 36.07 -0.64 -13.73
C ARG B 180 35.34 0.44 -12.96
N GLY B 181 36.08 1.28 -12.23
CA GLY B 181 35.44 2.31 -11.45
C GLY B 181 34.78 3.37 -12.30
N GLU B 182 35.45 3.80 -13.37
CA GLU B 182 34.89 4.85 -14.22
C GLU B 182 33.58 4.39 -14.86
N GLN B 183 33.53 3.14 -15.33
CA GLN B 183 32.31 2.64 -15.94
C GLN B 183 31.15 2.61 -14.95
N VAL B 184 31.41 2.15 -13.72
CA VAL B 184 30.34 2.09 -12.73
C VAL B 184 29.91 3.49 -12.33
N ALA B 185 30.85 4.42 -12.21
CA ALA B 185 30.49 5.80 -11.90
C ALA B 185 29.64 6.40 -13.02
N GLN B 186 30.02 6.15 -14.27
CA GLN B 186 29.22 6.63 -15.39
C GLN B 186 27.83 6.05 -15.36
N GLY B 187 27.73 4.75 -15.07
CA GLY B 187 26.41 4.12 -15.01
C GLY B 187 25.55 4.70 -13.91
N ILE B 188 26.12 4.90 -12.73
CA ILE B 188 25.35 5.45 -11.62
C ILE B 188 24.89 6.86 -11.94
N ARG B 189 25.80 7.69 -12.45
CA ARG B 189 25.44 9.07 -12.76
C ARG B 189 24.42 9.13 -13.88
N HIS B 190 24.50 8.21 -14.84
CA HIS B 190 23.59 8.23 -15.97
C HIS B 190 22.19 7.77 -15.56
N PHE B 191 22.13 6.77 -14.67
CA PHE B 191 20.84 6.39 -14.10
C PHE B 191 20.25 7.52 -13.29
N ALA B 192 21.06 8.20 -12.48
CA ALA B 192 20.55 9.32 -11.70
C ALA B 192 20.06 10.43 -12.61
N THR B 193 20.80 10.70 -13.69
CA THR B 193 20.37 11.71 -14.65
C THR B 193 19.03 11.33 -15.26
N ARG B 194 18.83 10.05 -15.57
CA ARG B 194 17.52 9.64 -16.08
C ARG B 194 16.43 9.86 -15.04
N LEU B 195 16.68 9.51 -13.78
CA LEU B 195 15.68 9.77 -12.76
C LEU B 195 15.41 11.26 -12.60
N ALA B 196 16.41 12.01 -12.17
CA ALA B 196 16.32 13.46 -12.04
C ALA B 196 17.33 14.09 -12.98
N GLY B 197 16.88 15.09 -13.74
CA GLY B 197 17.68 15.63 -14.82
C GLY B 197 19.11 15.99 -14.46
N VAL B 198 19.29 17.00 -13.62
CA VAL B 198 20.63 17.43 -13.25
C VAL B 198 20.74 17.31 -11.73
N ARG B 199 19.61 17.34 -11.04
CA ARG B 199 19.62 17.19 -9.60
C ARG B 199 20.14 15.82 -9.19
N GLY B 200 19.82 14.77 -9.96
CA GLY B 200 20.31 13.44 -9.65
C GLY B 200 21.82 13.32 -9.81
N ASP B 201 22.36 13.91 -10.89
CA ASP B 201 23.80 13.88 -11.10
C ASP B 201 24.53 14.59 -9.96
N ALA B 202 24.04 15.77 -9.58
CA ALA B 202 24.63 16.49 -8.46
C ALA B 202 24.49 15.71 -7.17
N ALA B 203 23.37 15.00 -6.99
CA ALA B 203 23.20 14.16 -5.80
C ALA B 203 24.24 13.05 -5.74
N VAL B 204 24.49 12.40 -6.87
CA VAL B 204 25.48 11.33 -6.89
C VAL B 204 26.88 11.88 -6.60
N LEU B 205 27.23 13.00 -7.22
CA LEU B 205 28.53 13.60 -6.95
C LEU B 205 28.65 14.01 -5.49
N LEU B 206 27.57 14.53 -4.91
CA LEU B 206 27.59 14.89 -3.49
C LEU B 206 27.75 13.65 -2.61
N ALA B 207 27.09 12.56 -2.97
CA ALA B 207 27.23 11.33 -2.17
C ALA B 207 28.66 10.84 -2.19
N ALA B 208 29.31 10.88 -3.37
CA ALA B 208 30.72 10.52 -3.43
C ALA B 208 31.56 11.46 -2.58
N GLN B 209 31.25 12.76 -2.63
CA GLN B 209 32.01 13.73 -1.87
C GLN B 209 31.88 13.50 -0.37
N ALA B 210 30.67 13.18 0.08
CA ALA B 210 30.41 12.90 1.49
C ALA B 210 31.10 11.62 1.94
N ILE B 211 31.09 10.59 1.10
CA ILE B 211 31.80 9.36 1.44
C ILE B 211 33.29 9.65 1.59
N ARG B 212 33.86 10.45 0.68
CA ARG B 212 35.27 10.80 0.80
C ARG B 212 35.54 11.55 2.09
N ALA B 213 34.67 12.51 2.43
CA ALA B 213 34.85 13.28 3.66
C ALA B 213 34.83 12.38 4.89
N VAL B 214 33.81 11.53 4.99
CA VAL B 214 33.69 10.67 6.17
C VAL B 214 34.84 9.70 6.24
N ALA B 215 35.30 9.20 5.09
CA ALA B 215 36.43 8.27 5.09
C ALA B 215 37.70 8.96 5.57
N LEU B 216 37.95 10.19 5.13
CA LEU B 216 39.12 10.90 5.64
C LEU B 216 39.00 11.14 7.13
N GLY B 217 37.79 11.46 7.61
CA GLY B 217 37.59 11.61 9.04
C GLY B 217 37.91 10.33 9.81
N VAL B 218 37.47 9.19 9.28
CA VAL B 218 37.71 7.91 9.94
C VAL B 218 39.19 7.58 9.94
N VAL B 219 39.88 7.84 8.83
CA VAL B 219 41.31 7.58 8.77
C VAL B 219 42.05 8.44 9.79
N VAL B 220 41.67 9.72 9.88
CA VAL B 220 42.32 10.60 10.84
C VAL B 220 42.03 10.14 12.27
N THR B 221 40.81 9.67 12.52
CA THR B 221 40.47 9.16 13.84
C THR B 221 41.34 7.97 14.21
N ALA B 222 41.50 7.03 13.28
CA ALA B 222 42.34 5.86 13.54
C ALA B 222 43.79 6.27 13.77
N LEU B 223 44.28 7.21 12.98
CA LEU B 223 45.66 7.68 13.15
C LEU B 223 45.85 8.34 14.52
N VAL B 224 44.89 9.17 14.94
CA VAL B 224 45.00 9.84 16.23
C VAL B 224 44.91 8.82 17.37
N GLN B 225 44.05 7.81 17.22
CA GLN B 225 43.97 6.76 18.23
C GLN B 225 45.30 6.01 18.33
N ALA B 226 45.93 5.72 17.18
CA ALA B 226 47.23 5.06 17.21
C ALA B 226 48.28 5.94 17.88
N VAL B 227 48.26 7.25 17.60
CA VAL B 227 49.21 8.17 18.23
C VAL B 227 49.00 8.19 19.74
N LEU B 228 47.75 8.27 20.18
CA LEU B 228 47.45 8.28 21.60
C LEU B 228 47.67 6.91 22.24
N GLY B 229 47.87 5.86 21.45
CA GLY B 229 48.18 4.56 22.01
C GLY B 229 49.45 4.58 22.84
N GLY B 230 50.45 5.34 22.40
CA GLY B 230 51.68 5.49 23.15
C GLY B 230 52.71 4.41 22.83
N THR B 276 35.86 4.36 20.73
CA THR B 276 35.85 4.76 19.33
C THR B 276 34.68 5.69 19.04
N TRP B 277 33.66 5.65 19.89
CA TRP B 277 32.49 6.50 19.68
C TRP B 277 32.87 7.98 19.79
N GLY B 278 33.51 8.36 20.90
CA GLY B 278 33.85 9.75 21.09
C GLY B 278 35.02 10.23 20.26
N THR B 279 35.93 9.32 19.90
CA THR B 279 37.11 9.72 19.13
C THR B 279 36.72 10.23 17.75
N VAL B 280 35.79 9.56 17.07
CA VAL B 280 35.38 10.01 15.74
C VAL B 280 34.75 11.39 15.82
N LEU B 281 33.88 11.61 16.80
CA LEU B 281 33.21 12.89 16.96
C LEU B 281 34.21 14.01 17.27
N LEU B 282 35.14 13.75 18.19
CA LEU B 282 36.15 14.75 18.53
C LEU B 282 37.02 15.06 17.32
N VAL B 283 37.41 14.04 16.56
CA VAL B 283 38.21 14.25 15.36
C VAL B 283 37.44 15.08 14.35
N TRP B 284 36.15 14.79 14.20
CA TRP B 284 35.34 15.56 13.26
C TRP B 284 35.25 17.03 13.67
N SER B 285 35.06 17.29 14.97
CA SER B 285 35.04 18.68 15.42
C SER B 285 36.39 19.35 15.19
N GLY B 286 37.49 18.64 15.48
CA GLY B 286 38.81 19.23 15.31
C GLY B 286 39.16 19.50 13.85
N VAL B 287 38.69 18.63 12.95
CA VAL B 287 39.06 18.74 11.54
C VAL B 287 38.47 20.00 10.93
N VAL B 288 37.20 20.29 11.22
CA VAL B 288 36.50 21.36 10.52
C VAL B 288 36.03 22.48 11.44
N GLY B 289 36.01 22.27 12.76
CA GLY B 289 35.52 23.29 13.68
C GLY B 289 36.23 24.62 13.56
N THR B 290 37.50 24.67 13.93
CA THR B 290 38.32 25.86 13.72
C THR B 290 39.14 25.79 12.44
N LEU B 291 39.36 24.59 11.91
CA LEU B 291 40.10 24.40 10.66
C LEU B 291 39.09 24.21 9.53
N ASP B 292 38.63 25.32 8.98
CA ASP B 292 37.59 25.24 7.95
C ASP B 292 38.15 24.65 6.65
N ASN B 293 39.04 25.38 5.99
CA ASN B 293 39.71 24.84 4.80
C ASN B 293 41.18 25.20 4.69
N VAL B 294 41.74 26.03 5.55
CA VAL B 294 43.01 26.71 5.24
C VAL B 294 44.20 25.76 5.39
N ILE B 295 44.45 25.27 6.60
CA ILE B 295 45.64 24.46 6.85
C ILE B 295 45.49 23.12 6.13
N ARG B 296 46.64 22.56 5.69
CA ARG B 296 46.66 21.42 4.78
C ARG B 296 45.81 21.78 3.56
N PRO B 297 46.31 22.66 2.69
CA PRO B 297 45.45 23.22 1.64
C PRO B 297 44.96 22.16 0.67
N MET B 298 43.81 22.46 0.06
CA MET B 298 43.12 21.60 -0.92
C MET B 298 43.03 20.14 -0.46
N LEU B 299 43.09 19.91 0.85
CA LEU B 299 43.01 18.57 1.40
C LEU B 299 41.81 18.35 2.30
N ILE B 300 41.27 19.41 2.91
CA ILE B 300 40.05 19.30 3.71
C ILE B 300 38.98 20.07 2.95
N ARG B 301 39.10 20.10 1.62
CA ARG B 301 38.07 20.73 0.81
C ARG B 301 36.80 19.91 0.73
N MET B 302 36.78 18.72 1.34
CA MET B 302 35.53 17.96 1.44
C MET B 302 34.50 18.71 2.26
N GLY B 303 34.87 19.14 3.46
CA GLY B 303 33.94 19.81 4.35
C GLY B 303 33.53 21.19 3.90
N ALA B 304 34.25 21.79 2.95
CA ALA B 304 33.91 23.13 2.49
C ALA B 304 32.58 23.16 1.77
N ASP B 305 32.12 22.02 1.24
CA ASP B 305 30.87 21.94 0.50
C ASP B 305 29.76 21.25 1.28
N LEU B 306 30.02 20.83 2.51
CA LEU B 306 29.06 20.02 3.25
C LEU B 306 28.81 20.61 4.63
N PRO B 307 27.58 20.49 5.13
CA PRO B 307 27.27 21.05 6.45
C PRO B 307 27.88 20.23 7.57
N LEU B 308 28.38 20.92 8.60
CA LEU B 308 28.90 20.24 9.78
C LEU B 308 27.80 19.44 10.47
N ILE B 309 26.68 20.10 10.76
CA ILE B 309 25.59 19.45 11.49
C ILE B 309 25.10 18.23 10.71
N LEU B 310 25.02 18.34 9.39
CA LEU B 310 24.51 17.25 8.59
C LEU B 310 25.41 16.02 8.70
N ILE B 311 26.72 16.22 8.56
CA ILE B 311 27.66 15.10 8.65
C ILE B 311 27.64 14.49 10.05
N LEU B 312 27.65 15.34 11.07
CA LEU B 312 27.70 14.83 12.45
C LEU B 312 26.45 14.01 12.75
N SER B 313 25.28 14.55 12.45
CA SER B 313 24.04 13.85 12.70
C SER B 313 23.94 12.59 11.86
N GLY B 314 24.42 12.64 10.61
CA GLY B 314 24.39 11.46 9.78
C GLY B 314 25.25 10.34 10.34
N VAL B 315 26.46 10.70 10.80
CA VAL B 315 27.34 9.69 11.39
C VAL B 315 26.69 9.06 12.61
N ILE B 316 26.17 9.89 13.51
CA ILE B 316 25.61 9.36 14.76
C ILE B 316 24.39 8.49 14.46
N GLY B 317 23.47 9.00 13.64
CA GLY B 317 22.27 8.24 13.33
C GLY B 317 22.55 6.98 12.55
N GLY B 318 23.56 7.00 11.67
CA GLY B 318 23.92 5.79 10.95
C GLY B 318 24.51 4.74 11.87
N LEU B 319 25.39 5.14 12.77
CA LEU B 319 25.93 4.19 13.74
C LEU B 319 24.82 3.59 14.57
N ILE B 320 23.89 4.42 15.05
CA ILE B 320 22.85 3.92 15.93
C ILE B 320 21.89 3.02 15.17
N ALA B 321 21.57 3.37 13.92
CA ALA B 321 20.53 2.68 13.17
C ALA B 321 21.06 1.47 12.42
N PHE B 322 22.09 1.66 11.58
CA PHE B 322 22.61 0.58 10.74
C PHE B 322 23.80 -0.13 11.36
N GLY B 323 24.78 0.62 11.84
CA GLY B 323 25.87 0.04 12.61
C GLY B 323 27.13 -0.19 11.82
N MET B 324 28.08 0.74 11.95
CA MET B 324 29.42 0.64 11.39
C MET B 324 29.40 0.75 9.87
N ILE B 325 28.21 0.67 9.28
CA ILE B 325 28.02 0.98 7.88
C ILE B 325 27.18 2.22 7.69
N GLY B 326 26.27 2.51 8.63
CA GLY B 326 25.64 3.81 8.68
C GLY B 326 26.64 4.92 8.90
N LEU B 327 27.85 4.58 9.32
CA LEU B 327 28.92 5.57 9.38
C LEU B 327 29.11 6.26 8.04
N PHE B 328 28.83 5.56 6.95
CA PHE B 328 28.85 6.15 5.61
C PHE B 328 27.47 6.33 5.01
N ILE B 329 26.51 5.49 5.37
CA ILE B 329 25.17 5.61 4.80
C ILE B 329 24.48 6.86 5.33
N GLY B 330 24.58 7.12 6.63
CA GLY B 330 23.93 8.23 7.25
C GLY B 330 24.29 9.56 6.64
N PRO B 331 25.58 9.90 6.61
CA PRO B 331 25.98 11.15 5.94
C PRO B 331 25.55 11.21 4.49
N VAL B 332 25.65 10.11 3.76
CA VAL B 332 25.25 10.12 2.35
C VAL B 332 23.75 10.38 2.22
N LEU B 333 22.94 9.64 2.95
CA LEU B 333 21.49 9.82 2.85
C LEU B 333 21.10 11.23 3.25
N LEU B 334 21.63 11.73 4.37
CA LEU B 334 21.24 13.06 4.82
C LEU B 334 21.70 14.13 3.85
N ALA B 335 22.94 14.05 3.36
CA ALA B 335 23.43 15.07 2.44
C ALA B 335 22.64 15.06 1.14
N VAL B 336 22.40 13.88 0.58
CA VAL B 336 21.69 13.79 -0.69
C VAL B 336 20.26 14.29 -0.52
N SER B 337 19.58 13.86 0.55
CA SER B 337 18.22 14.31 0.78
C SER B 337 18.16 15.80 1.01
N TRP B 338 19.13 16.35 1.76
CA TRP B 338 19.13 17.78 2.00
C TRP B 338 19.33 18.55 0.71
N ARG B 339 20.25 18.13 -0.14
CA ARG B 339 20.46 18.85 -1.39
C ARG B 339 19.24 18.75 -2.29
N LEU B 340 18.65 17.55 -2.41
CA LEU B 340 17.47 17.40 -3.24
C LEU B 340 16.32 18.26 -2.74
N PHE B 341 16.06 18.24 -1.43
CA PHE B 341 14.94 18.99 -0.90
C PHE B 341 15.21 20.49 -0.97
N ALA B 342 16.46 20.91 -0.76
CA ALA B 342 16.76 22.33 -0.89
C ALA B 342 16.55 22.80 -2.31
N ALA B 343 17.05 22.04 -3.29
CA ALA B 343 16.86 22.42 -4.69
C ALA B 343 15.39 22.44 -5.06
N TRP B 344 14.64 21.45 -4.58
CA TRP B 344 13.21 21.38 -4.87
C TRP B 344 12.46 22.56 -4.26
N VAL B 345 12.78 22.89 -3.01
CA VAL B 345 12.04 23.94 -2.30
C VAL B 345 12.39 25.31 -2.84
N GLU B 346 13.64 25.51 -3.27
CA GLU B 346 14.03 26.83 -3.77
C GLU B 346 13.36 27.19 -5.08
N GLU B 347 12.60 26.29 -5.71
CA GLU B 347 11.96 26.60 -6.98
C GLU B 347 10.95 27.73 -6.82
N VAL B 348 10.15 27.69 -5.77
CA VAL B 348 9.21 28.77 -5.48
C VAL B 348 9.95 29.87 -4.73
N PRO B 349 9.51 31.13 -4.83
CA PRO B 349 10.18 32.18 -4.08
C PRO B 349 9.93 32.03 -2.60
N PRO B 350 10.84 32.52 -1.75
CA PRO B 350 10.62 32.42 -0.31
C PRO B 350 9.42 33.24 0.10
N PRO B 351 8.69 32.81 1.13
CA PRO B 351 7.52 33.56 1.56
C PRO B 351 7.91 34.93 2.08
N THR B 352 7.09 35.92 1.75
CA THR B 352 7.32 37.27 2.24
C THR B 352 6.93 37.37 3.70
N ASP B 353 7.65 38.21 4.43
CA ASP B 353 7.36 38.39 5.86
C ASP B 353 5.98 38.99 6.07
N GLN B 354 5.58 39.93 5.22
CA GLN B 354 4.29 40.59 5.34
C GLN B 354 3.15 39.61 5.10
N PRO C 7 4.91 12.55 -22.52
CA PRO C 7 4.48 12.15 -21.17
C PRO C 7 5.53 11.31 -20.46
N ARG C 8 5.65 11.49 -19.15
CA ARG C 8 6.58 10.69 -18.37
C ARG C 8 6.12 9.23 -18.34
N ASP C 9 7.07 8.32 -18.50
CA ASP C 9 6.73 6.91 -18.50
C ASP C 9 6.51 6.40 -17.08
N VAL C 10 5.91 5.21 -16.99
CA VAL C 10 5.61 4.62 -15.69
C VAL C 10 6.89 4.32 -14.92
N ALA C 11 7.95 3.92 -15.63
CA ALA C 11 9.18 3.56 -14.95
C ALA C 11 9.75 4.73 -14.16
N GLN C 12 9.79 5.91 -14.78
CA GLN C 12 10.34 7.07 -14.08
C GLN C 12 9.49 7.46 -12.88
N ILE C 13 8.17 7.45 -13.04
CA ILE C 13 7.29 7.83 -11.93
C ILE C 13 7.46 6.85 -10.77
N LEU C 14 7.45 5.54 -11.08
CA LEU C 14 7.57 4.55 -10.03
C LEU C 14 8.94 4.63 -9.35
N LEU C 15 10.00 4.80 -10.12
CA LEU C 15 11.33 4.88 -9.52
C LEU C 15 11.49 6.14 -8.70
N SER C 16 10.93 7.26 -9.15
CA SER C 16 10.98 8.49 -8.36
C SER C 16 10.23 8.33 -7.06
N VAL C 17 9.03 7.74 -7.10
CA VAL C 17 8.26 7.52 -5.87
C VAL C 17 9.04 6.60 -4.94
N LEU C 18 9.59 5.51 -5.48
CA LEU C 18 10.31 4.55 -4.65
C LEU C 18 11.55 5.16 -4.03
N PHE C 19 12.30 5.93 -4.81
CA PHE C 19 13.52 6.55 -4.28
C PHE C 19 13.19 7.61 -3.25
N LEU C 20 12.15 8.41 -3.48
CA LEU C 20 11.76 9.40 -2.49
C LEU C 20 11.29 8.75 -1.21
N ALA C 21 10.54 7.65 -1.33
CA ALA C 21 10.11 6.92 -0.15
C ALA C 21 11.29 6.36 0.62
N ILE C 22 12.26 5.79 -0.09
CA ILE C 22 13.46 5.27 0.58
C ILE C 22 14.22 6.39 1.26
N MET C 23 14.37 7.53 0.58
CA MET C 23 15.10 8.66 1.17
C MET C 23 14.41 9.16 2.42
N ILE C 24 13.09 9.30 2.37
CA ILE C 24 12.34 9.79 3.53
C ILE C 24 12.45 8.80 4.68
N VAL C 25 12.22 7.52 4.40
CA VAL C 25 12.25 6.51 5.45
C VAL C 25 13.65 6.41 6.06
N ALA C 26 14.68 6.42 5.23
CA ALA C 26 16.04 6.32 5.74
C ALA C 26 16.41 7.56 6.55
N CYS C 27 15.98 8.74 6.12
CA CYS C 27 16.29 9.95 6.88
C CYS C 27 15.59 9.95 8.23
N LEU C 28 14.32 9.52 8.27
CA LEU C 28 13.65 9.41 9.56
C LEU C 28 14.30 8.36 10.44
N TRP C 29 14.72 7.24 9.84
CA TRP C 29 15.41 6.21 10.60
C TRP C 29 16.71 6.73 11.19
N ILE C 30 17.45 7.52 10.43
CA ILE C 30 18.71 8.07 10.91
C ILE C 30 18.47 9.09 12.01
N VAL C 31 17.51 9.99 11.82
CA VAL C 31 17.28 11.06 12.77
C VAL C 31 16.46 10.62 13.98
N GLN C 32 15.89 9.42 13.94
CA GLN C 32 15.03 8.96 15.03
C GLN C 32 15.61 9.12 16.43
N PRO C 33 16.87 8.78 16.70
CA PRO C 33 17.40 9.01 18.06
C PRO C 33 17.30 10.45 18.51
N PHE C 34 17.30 11.40 17.58
CA PHE C 34 17.20 12.81 17.95
C PHE C 34 15.78 13.36 17.90
N ILE C 35 14.85 12.67 17.23
CA ILE C 35 13.59 13.29 16.83
C ILE C 35 12.85 13.86 18.03
N LEU C 36 12.67 13.05 19.07
CA LEU C 36 11.90 13.52 20.22
C LEU C 36 12.58 14.70 20.89
N GLY C 37 13.90 14.60 21.07
CA GLY C 37 14.62 15.73 21.65
C GLY C 37 14.44 16.98 20.84
N PHE C 38 14.52 16.88 19.51
CA PHE C 38 14.34 18.04 18.66
C PHE C 38 12.93 18.59 18.81
N ALA C 39 11.94 17.71 18.86
CA ALA C 39 10.57 18.18 19.00
C ALA C 39 10.43 19.00 20.27
N TRP C 40 10.99 18.51 21.38
CA TRP C 40 10.91 19.28 22.62
C TRP C 40 11.67 20.58 22.51
N ALA C 41 12.88 20.52 21.97
CA ALA C 41 13.75 21.68 21.84
C ALA C 41 13.39 22.34 20.53
N GLY C 42 12.52 23.32 20.60
CA GLY C 42 11.85 23.83 19.43
C GLY C 42 10.39 23.99 19.75
N THR C 43 9.77 23.04 20.45
CA THR C 43 8.51 23.37 21.11
C THR C 43 8.75 24.46 22.13
N VAL C 44 9.73 24.26 23.00
CA VAL C 44 10.14 25.28 23.95
C VAL C 44 10.53 26.56 23.21
N VAL C 45 11.25 26.42 22.09
CA VAL C 45 11.77 27.61 21.43
C VAL C 45 10.63 28.44 20.85
N ILE C 46 9.63 27.78 20.27
CA ILE C 46 8.46 28.52 19.81
C ILE C 46 7.75 29.15 20.99
N ALA C 47 7.70 28.42 22.11
CA ALA C 47 6.98 28.90 23.28
C ALA C 47 7.60 30.17 23.83
N THR C 48 8.92 30.22 23.94
CA THR C 48 9.62 31.29 24.63
C THR C 48 10.27 32.30 23.69
N TRP C 49 9.92 32.28 22.41
CA TRP C 49 10.53 33.21 21.46
C TRP C 49 10.35 34.67 21.86
N PRO C 50 9.16 35.14 22.27
CA PRO C 50 9.06 36.54 22.72
C PRO C 50 9.99 36.85 23.89
N VAL C 51 10.16 35.90 24.81
CA VAL C 51 11.10 36.10 25.91
C VAL C 51 12.51 36.29 25.38
N LEU C 52 12.88 35.48 24.38
CA LEU C 52 14.20 35.61 23.79
C LEU C 52 14.36 36.97 23.12
N LEU C 53 13.31 37.46 22.46
CA LEU C 53 13.40 38.79 21.85
C LEU C 53 13.54 39.89 22.88
N ARG C 54 12.83 39.77 24.00
CA ARG C 54 12.97 40.75 25.07
C ARG C 54 14.39 40.74 25.63
N LEU C 55 14.95 39.54 25.84
CA LEU C 55 16.33 39.46 26.30
C LEU C 55 17.29 40.05 25.27
N GLN C 56 17.03 39.78 23.98
CA GLN C 56 17.81 40.38 22.90
C GLN C 56 17.84 41.89 23.03
N LYS C 57 16.67 42.49 23.23
CA LYS C 57 16.60 43.94 23.39
C LYS C 57 17.35 44.39 24.64
N ILE C 58 17.26 43.61 25.72
CA ILE C 58 17.88 44.02 26.99
C ILE C 58 19.40 44.03 26.86
N MET C 59 19.98 42.95 26.34
CA MET C 59 21.44 42.77 26.39
C MET C 59 22.09 43.25 25.09
N PHE C 60 21.97 44.55 24.86
CA PHE C 60 22.74 45.27 23.84
C PHE C 60 22.55 44.69 22.44
N GLY C 61 21.47 43.95 22.21
CA GLY C 61 21.24 43.36 20.90
C GLY C 61 22.29 42.36 20.48
N ARG C 62 22.72 41.51 21.41
CA ARG C 62 23.69 40.46 21.12
C ARG C 62 22.96 39.13 21.18
N ARG C 63 22.78 38.50 20.02
CA ARG C 63 22.08 37.22 19.97
C ARG C 63 22.82 36.14 20.74
N SER C 64 24.15 36.17 20.71
CA SER C 64 24.91 35.18 21.46
C SER C 64 24.63 35.29 22.96
N LEU C 65 24.61 36.52 23.49
CA LEU C 65 24.32 36.71 24.91
C LEU C 65 22.91 36.25 25.23
N ALA C 66 21.95 36.56 24.36
CA ALA C 66 20.57 36.14 24.60
C ALA C 66 20.46 34.62 24.61
N VAL C 67 21.13 33.95 23.67
CA VAL C 67 21.09 32.49 23.62
C VAL C 67 21.72 31.90 24.88
N LEU C 68 22.87 32.44 25.30
CA LEU C 68 23.53 31.93 26.49
C LEU C 68 22.63 32.08 27.72
N VAL C 69 22.07 33.28 27.91
CA VAL C 69 21.24 33.52 29.08
C VAL C 69 19.98 32.67 29.03
N MET C 70 19.39 32.52 27.86
CA MET C 70 18.15 31.77 27.76
C MET C 70 18.38 30.28 28.00
N THR C 71 19.48 29.74 27.49
CA THR C 71 19.80 28.34 27.76
C THR C 71 20.14 28.13 29.24
N LEU C 72 20.86 29.07 29.85
CA LEU C 72 21.13 28.99 31.27
C LEU C 72 19.83 29.02 32.07
N LEU C 73 18.88 29.86 31.65
CA LEU C 73 17.58 29.91 32.31
C LEU C 73 16.83 28.60 32.15
N LEU C 74 16.90 27.99 30.97
CA LEU C 74 16.27 26.70 30.76
C LEU C 74 16.87 25.64 31.68
N VAL C 75 18.20 25.65 31.83
CA VAL C 75 18.85 24.73 32.75
C VAL C 75 18.37 24.97 34.18
N MET C 76 18.33 26.23 34.59
CA MET C 76 17.84 26.56 35.92
C MET C 76 16.36 26.25 36.10
N VAL C 77 15.63 26.02 35.00
CA VAL C 77 14.28 25.51 35.11
C VAL C 77 14.27 23.99 35.29
N PHE C 78 15.15 23.29 34.56
CA PHE C 78 15.26 21.84 34.76
C PHE C 78 15.67 21.52 36.19
N ILE C 79 16.89 21.93 36.56
CA ILE C 79 17.31 21.83 37.95
C ILE C 79 16.49 22.80 38.78
N ILE C 80 16.24 22.45 40.04
CA ILE C 80 15.48 23.28 40.96
C ILE C 80 14.05 23.49 40.44
N PHE C 163 17.54 16.22 35.77
CA PHE C 163 18.10 15.14 34.98
C PHE C 163 18.71 15.66 33.68
N MET C 164 20.00 16.00 33.75
CA MET C 164 20.69 16.49 32.56
C MET C 164 20.98 15.37 31.57
N VAL C 165 21.22 14.15 32.05
CA VAL C 165 21.39 13.02 31.15
C VAL C 165 20.14 12.84 30.31
N HIS C 166 20.34 12.44 29.05
CA HIS C 166 19.29 12.25 28.05
C HIS C 166 18.52 13.55 27.80
N CYS C 167 19.00 14.65 28.37
CA CYS C 167 18.45 15.97 28.10
C CYS C 167 19.50 16.95 27.61
N ALA C 168 20.79 16.59 27.66
CA ALA C 168 21.82 17.46 27.10
C ALA C 168 21.63 17.66 25.61
N LEU C 169 21.12 16.64 24.92
CA LEU C 169 20.77 16.80 23.52
C LEU C 169 19.64 17.80 23.36
N MET C 170 18.64 17.75 24.24
CA MET C 170 17.57 18.73 24.21
C MET C 170 18.09 20.14 24.43
N LEU C 171 18.99 20.32 25.41
CA LEU C 171 19.56 21.64 25.64
C LEU C 171 20.37 22.12 24.44
N LEU C 172 21.12 21.21 23.81
CA LEU C 172 21.91 21.59 22.65
C LEU C 172 21.02 22.04 21.50
N PHE C 173 19.95 21.28 21.23
CA PHE C 173 19.04 21.67 20.16
C PHE C 173 18.34 22.99 20.50
N SER C 174 17.97 23.18 21.76
CA SER C 174 17.36 24.45 22.16
C SER C 174 18.31 25.61 21.92
N ALA C 175 19.59 25.44 22.27
CA ALA C 175 20.55 26.51 22.04
C ALA C 175 20.72 26.79 20.56
N LEU C 176 20.81 25.74 19.74
CA LEU C 176 20.95 25.93 18.31
C LEU C 176 19.75 26.67 17.73
N LEU C 177 18.54 26.25 18.12
CA LEU C 177 17.35 26.89 17.59
C LEU C 177 17.18 28.30 18.10
N TYR C 178 17.66 28.59 19.31
CA TYR C 178 17.66 29.98 19.77
C TYR C 178 18.64 30.80 18.96
N TRP C 179 19.76 30.21 18.54
CA TRP C 179 20.75 30.94 17.78
C TRP C 179 20.28 31.20 16.36
N ARG C 180 19.60 30.25 15.74
CA ARG C 180 19.17 30.34 14.36
C ARG C 180 17.68 30.10 14.21
N GLY C 181 16.88 30.71 15.09
CA GLY C 181 15.45 30.51 15.03
C GLY C 181 14.81 31.09 13.78
N GLU C 182 15.23 32.28 13.38
CA GLU C 182 14.63 32.91 12.20
C GLU C 182 14.91 32.09 10.94
N GLN C 183 16.13 31.55 10.81
CA GLN C 183 16.45 30.75 9.64
C GLN C 183 15.61 29.49 9.59
N VAL C 184 15.44 28.81 10.72
CA VAL C 184 14.64 27.58 10.72
C VAL C 184 13.17 27.89 10.47
N ALA C 185 12.67 29.01 11.02
CA ALA C 185 11.30 29.40 10.74
C ALA C 185 11.10 29.70 9.27
N GLN C 186 12.05 30.42 8.66
CA GLN C 186 11.97 30.69 7.23
C GLN C 186 11.98 29.41 6.42
N GLY C 187 12.85 28.47 6.80
CA GLY C 187 12.90 27.21 6.08
C GLY C 187 11.61 26.43 6.18
N ILE C 188 11.03 26.35 7.38
CA ILE C 188 9.79 25.62 7.56
C ILE C 188 8.67 26.27 6.76
N ARG C 189 8.55 27.60 6.86
CA ARG C 189 7.49 28.30 6.14
C ARG C 189 7.67 28.18 4.64
N HIS C 190 8.92 28.17 4.18
CA HIS C 190 9.17 28.11 2.74
C HIS C 190 8.90 26.72 2.20
N PHE C 191 9.23 25.68 2.97
CA PHE C 191 8.84 24.33 2.59
C PHE C 191 7.33 24.19 2.56
N ALA C 192 6.64 24.73 3.56
CA ALA C 192 5.19 24.65 3.58
C ALA C 192 4.58 25.40 2.39
N THR C 193 5.15 26.56 2.05
CA THR C 193 4.69 27.30 0.89
C THR C 193 4.87 26.48 -0.38
N ARG C 194 5.99 25.77 -0.50
CA ARG C 194 6.16 24.91 -1.66
C ARG C 194 5.11 23.81 -1.69
N LEU C 195 4.84 23.17 -0.55
CA LEU C 195 3.79 22.16 -0.53
C LEU C 195 2.43 22.75 -0.87
N ALA C 196 1.93 23.63 -0.03
CA ALA C 196 0.67 24.33 -0.27
C ALA C 196 0.97 25.82 -0.38
N GLY C 197 0.41 26.45 -1.41
CA GLY C 197 0.77 27.81 -1.75
C GLY C 197 0.77 28.80 -0.60
N VAL C 198 -0.41 29.10 -0.06
CA VAL C 198 -0.52 30.05 1.03
C VAL C 198 -1.15 29.34 2.22
N ARG C 199 -1.88 28.26 1.94
CA ARG C 199 -2.48 27.49 3.02
C ARG C 199 -1.42 26.87 3.90
N GLY C 200 -0.30 26.42 3.33
CA GLY C 200 0.77 25.86 4.14
C GLY C 200 1.43 26.87 5.04
N ASP C 201 1.67 28.08 4.53
CA ASP C 201 2.26 29.12 5.36
C ASP C 201 1.35 29.48 6.52
N ALA C 202 0.05 29.63 6.25
CA ALA C 202 -0.90 29.90 7.32
C ALA C 202 -0.96 28.74 8.30
N ALA C 203 -0.84 27.50 7.81
CA ALA C 203 -0.83 26.35 8.71
C ALA C 203 0.37 26.39 9.65
N VAL C 204 1.54 26.74 9.12
CA VAL C 204 2.73 26.80 9.97
C VAL C 204 2.59 27.90 11.01
N LEU C 205 2.11 29.07 10.59
CA LEU C 205 1.92 30.14 11.56
C LEU C 205 0.89 29.76 12.61
N LEU C 206 -0.16 29.06 12.21
CA LEU C 206 -1.16 28.59 13.17
C LEU C 206 -0.57 27.58 14.14
N ALA C 207 0.29 26.68 13.65
CA ALA C 207 0.91 25.71 14.53
C ALA C 207 1.77 26.39 15.57
N ALA C 208 2.53 27.40 15.15
CA ALA C 208 3.32 28.17 16.12
C ALA C 208 2.40 28.86 17.12
N GLN C 209 1.28 29.42 16.64
CA GLN C 209 0.36 30.13 17.52
C GLN C 209 -0.24 29.17 18.55
N ALA C 210 -0.60 27.97 18.11
CA ALA C 210 -1.19 26.97 19.01
C ALA C 210 -0.16 26.49 20.03
N ILE C 211 1.09 26.29 19.61
CA ILE C 211 2.14 25.91 20.56
C ILE C 211 2.30 26.99 21.62
N ARG C 212 2.30 28.26 21.19
CA ARG C 212 2.42 29.35 22.15
C ARG C 212 1.24 29.35 23.13
N ALA C 213 0.03 29.14 22.62
CA ALA C 213 -1.14 29.11 23.48
C ALA C 213 -1.05 28.00 24.51
N VAL C 214 -0.75 26.78 24.06
CA VAL C 214 -0.69 25.64 24.98
C VAL C 214 0.43 25.84 25.99
N ALA C 215 1.55 26.41 25.56
CA ALA C 215 2.66 26.64 26.48
C ALA C 215 2.27 27.64 27.56
N LEU C 216 1.58 28.73 27.18
CA LEU C 216 1.12 29.67 28.19
C LEU C 216 0.15 29.01 29.15
N GLY C 217 -0.73 28.16 28.62
CA GLY C 217 -1.64 27.42 29.49
C GLY C 217 -0.90 26.54 30.48
N VAL C 218 0.13 25.85 30.02
CA VAL C 218 0.91 24.97 30.90
C VAL C 218 1.65 25.77 31.95
N VAL C 219 2.23 26.90 31.57
CA VAL C 219 2.92 27.75 32.53
C VAL C 219 1.96 28.25 33.59
N VAL C 220 0.76 28.68 33.18
CA VAL C 220 -0.22 29.15 34.15
C VAL C 220 -0.67 28.01 35.05
N THR C 221 -0.82 26.80 34.50
CA THR C 221 -1.18 25.65 35.32
C THR C 221 -0.12 25.38 36.39
N ALA C 222 1.15 25.40 36.00
CA ALA C 222 2.22 25.17 36.96
C ALA C 222 2.24 26.26 38.03
N LEU C 223 2.04 27.51 37.62
CA LEU C 223 2.02 28.61 38.58
C LEU C 223 0.86 28.45 39.56
N VAL C 224 -0.31 28.09 39.08
CA VAL C 224 -1.47 27.92 39.95
C VAL C 224 -1.26 26.73 40.89
N GLN C 225 -0.65 25.67 40.40
CA GLN C 225 -0.34 24.54 41.27
C GLN C 225 0.64 24.95 42.36
N ALA C 226 1.64 25.75 42.02
CA ALA C 226 2.58 26.24 43.03
C ALA C 226 1.88 27.12 44.05
N VAL C 227 0.97 27.98 43.60
CA VAL C 227 0.22 28.83 44.52
C VAL C 227 -0.63 28.00 45.46
N LEU C 228 -1.32 26.99 44.92
CA LEU C 228 -2.13 26.10 45.74
C LEU C 228 -1.29 25.17 46.59
N GLY C 229 0.02 25.09 46.35
CA GLY C 229 0.87 24.29 47.21
C GLY C 229 0.85 24.74 48.65
N GLY C 230 0.77 26.06 48.87
CA GLY C 230 0.68 26.61 50.21
C GLY C 230 2.03 26.84 50.86
N THR C 276 -2.27 16.54 38.06
CA THR C 276 -1.89 17.43 36.98
C THR C 276 -2.86 17.33 35.81
N TRP C 277 -3.59 16.21 35.74
CA TRP C 277 -4.55 16.01 34.65
C TRP C 277 -5.66 17.05 34.72
N GLY C 278 -6.31 17.17 35.87
CA GLY C 278 -7.43 18.09 35.99
C GLY C 278 -7.02 19.54 36.08
N THR C 279 -5.81 19.80 36.60
CA THR C 279 -5.37 21.18 36.76
C THR C 279 -5.21 21.89 35.43
N VAL C 280 -4.62 21.21 34.44
CA VAL C 280 -4.44 21.82 33.11
C VAL C 280 -5.79 22.15 32.49
N LEU C 281 -6.74 21.22 32.58
CA LEU C 281 -8.06 21.43 32.01
C LEU C 281 -8.80 22.58 32.70
N LEU C 282 -8.75 22.61 34.03
CA LEU C 282 -9.40 23.69 34.76
C LEU C 282 -8.77 25.04 34.43
N VAL C 283 -7.44 25.08 34.33
CA VAL C 283 -6.75 26.31 33.97
C VAL C 283 -7.15 26.75 32.57
N TRP C 284 -7.26 25.80 31.64
CA TRP C 284 -7.67 26.14 30.28
C TRP C 284 -9.07 26.72 30.25
N SER C 285 -10.00 26.12 31.01
CA SER C 285 -11.35 26.67 31.07
C SER C 285 -11.34 28.07 31.69
N GLY C 286 -10.57 28.26 32.75
CA GLY C 286 -10.52 29.56 33.41
C GLY C 286 -9.89 30.64 32.54
N VAL C 287 -8.88 30.28 31.75
CA VAL C 287 -8.14 31.26 30.96
C VAL C 287 -9.04 31.88 29.90
N VAL C 288 -9.82 31.06 29.20
CA VAL C 288 -10.55 31.52 28.03
C VAL C 288 -12.07 31.40 28.17
N GLY C 289 -12.58 30.64 29.14
CA GLY C 289 -14.01 30.45 29.30
C GLY C 289 -14.79 31.74 29.43
N THR C 290 -14.61 32.45 30.55
CA THR C 290 -15.19 33.77 30.72
C THR C 290 -14.24 34.89 30.37
N LEU C 291 -12.93 34.61 30.36
CA LEU C 291 -11.91 35.59 29.98
C LEU C 291 -11.51 35.35 28.53
N ASP C 292 -12.27 35.95 27.62
CA ASP C 292 -12.03 35.69 26.21
C ASP C 292 -10.72 36.34 25.76
N ASN C 293 -10.68 37.68 25.75
CA ASN C 293 -9.44 38.39 25.43
C ASN C 293 -9.19 39.63 26.28
N VAL C 294 -10.13 40.07 27.12
CA VAL C 294 -10.09 41.44 27.62
C VAL C 294 -9.03 41.63 28.70
N ILE C 295 -9.17 40.94 29.83
CA ILE C 295 -8.26 41.16 30.95
C ILE C 295 -6.87 40.64 30.59
N ARG C 296 -5.84 41.30 31.13
CA ARG C 296 -4.46 41.10 30.71
C ARG C 296 -4.40 41.32 29.20
N PRO C 297 -4.51 42.57 28.74
CA PRO C 297 -4.71 42.82 27.31
C PRO C 297 -3.53 42.36 26.47
N MET C 298 -3.83 42.04 25.21
CA MET C 298 -2.86 41.56 24.20
C MET C 298 -1.96 40.45 24.74
N LEU C 299 -2.41 39.74 25.76
CA LEU C 299 -1.64 38.66 26.35
C LEU C 299 -2.30 37.30 26.24
N ILE C 300 -3.63 37.25 26.12
CA ILE C 300 -4.33 35.99 25.89
C ILE C 300 -4.91 36.08 24.48
N ARG C 301 -4.23 36.81 23.61
CA ARG C 301 -4.65 36.88 22.22
C ARG C 301 -4.36 35.59 21.46
N MET C 302 -3.72 34.61 22.11
CA MET C 302 -3.56 33.30 21.49
C MET C 302 -4.91 32.64 21.24
N GLY C 303 -5.75 32.56 22.28
CA GLY C 303 -7.02 31.89 22.16
C GLY C 303 -8.04 32.61 21.31
N ALA C 304 -7.81 33.89 21.01
CA ALA C 304 -8.76 34.64 20.20
C ALA C 304 -8.85 34.11 18.77
N ASP C 305 -7.81 33.41 18.31
CA ASP C 305 -7.79 32.89 16.95
C ASP C 305 -7.97 31.37 16.89
N LEU C 306 -8.18 30.72 18.02
CA LEU C 306 -8.21 29.27 18.06
C LEU C 306 -9.46 28.77 18.78
N PRO C 307 -10.00 27.64 18.33
CA PRO C 307 -11.22 27.12 18.98
C PRO C 307 -10.92 26.53 20.34
N LEU C 308 -11.84 26.76 21.27
CA LEU C 308 -11.72 26.16 22.60
C LEU C 308 -11.79 24.64 22.51
N ILE C 309 -12.82 24.12 21.84
CA ILE C 309 -13.01 22.67 21.76
C ILE C 309 -11.81 22.02 21.10
N LEU C 310 -11.26 22.67 20.07
CA LEU C 310 -10.14 22.09 19.36
C LEU C 310 -8.92 21.94 20.26
N ILE C 311 -8.59 23.00 21.01
CA ILE C 311 -7.43 22.95 21.91
C ILE C 311 -7.65 21.92 23.01
N LEU C 312 -8.85 21.91 23.60
CA LEU C 312 -9.10 21.00 24.71
C LEU C 312 -9.01 19.55 24.25
N SER C 313 -9.67 19.22 23.14
CA SER C 313 -9.63 17.87 22.62
C SER C 313 -8.23 17.49 22.18
N GLY C 314 -7.48 18.44 21.60
CA GLY C 314 -6.12 18.15 21.20
C GLY C 314 -5.24 17.82 22.38
N VAL C 315 -5.36 18.61 23.45
CA VAL C 315 -4.57 18.35 24.65
C VAL C 315 -4.89 16.97 25.21
N ILE C 316 -6.18 16.66 25.36
CA ILE C 316 -6.55 15.39 25.97
C ILE C 316 -6.11 14.22 25.10
N GLY C 317 -6.40 14.28 23.81
CA GLY C 317 -6.02 13.20 22.92
C GLY C 317 -4.52 13.04 22.78
N GLY C 318 -3.78 14.15 22.82
CA GLY C 318 -2.33 14.05 22.76
C GLY C 318 -1.76 13.40 24.01
N LEU C 319 -2.25 13.80 25.18
CA LEU C 319 -1.79 13.15 26.41
C LEU C 319 -2.09 11.66 26.38
N ILE C 320 -3.29 11.29 25.95
CA ILE C 320 -3.67 9.89 25.97
C ILE C 320 -2.88 9.10 24.94
N ALA C 321 -2.63 9.69 23.76
CA ALA C 321 -2.03 8.96 22.66
C ALA C 321 -0.50 8.98 22.70
N PHE C 322 0.10 10.17 22.75
CA PHE C 322 1.54 10.31 22.69
C PHE C 322 2.17 10.42 24.06
N GLY C 323 1.65 11.28 24.93
CA GLY C 323 2.08 11.29 26.31
C GLY C 323 3.07 12.39 26.63
N MET C 324 2.56 13.48 27.19
CA MET C 324 3.35 14.60 27.71
C MET C 324 4.02 15.37 26.59
N ILE C 325 4.00 14.81 25.38
CA ILE C 325 4.40 15.53 24.19
C ILE C 325 3.22 15.76 23.26
N GLY C 326 2.23 14.87 23.27
CA GLY C 326 0.96 15.17 22.64
C GLY C 326 0.28 16.36 23.27
N LEU C 327 0.73 16.78 24.44
CA LEU C 327 0.25 18.03 25.03
C LEU C 327 0.43 19.19 24.07
N PHE C 328 1.46 19.12 23.22
CA PHE C 328 1.66 20.10 22.17
C PHE C 328 1.38 19.58 20.77
N ILE C 329 1.57 18.28 20.54
CA ILE C 329 1.32 17.73 19.21
C ILE C 329 -0.16 17.72 18.90
N GLY C 330 -1.00 17.32 19.86
CA GLY C 330 -2.42 17.21 19.66
C GLY C 330 -3.06 18.51 19.22
N PRO C 331 -2.89 19.58 20.00
CA PRO C 331 -3.43 20.87 19.56
C PRO C 331 -2.89 21.31 18.21
N VAL C 332 -1.61 21.10 17.96
CA VAL C 332 -1.03 21.51 16.68
C VAL C 332 -1.65 20.74 15.54
N LEU C 333 -1.69 19.41 15.65
CA LEU C 333 -2.25 18.60 14.57
C LEU C 333 -3.71 18.94 14.34
N LEU C 334 -4.49 19.05 15.41
CA LEU C 334 -5.91 19.32 15.23
C LEU C 334 -6.14 20.71 14.65
N ALA C 335 -5.42 21.72 15.13
CA ALA C 335 -5.64 23.08 14.61
C ALA C 335 -5.21 23.17 13.15
N VAL C 336 -4.06 22.60 12.82
CA VAL C 336 -3.59 22.68 11.43
C VAL C 336 -4.52 21.92 10.51
N SER C 337 -4.95 20.72 10.90
CA SER C 337 -5.86 19.94 10.07
C SER C 337 -7.19 20.66 9.92
N TRP C 338 -7.69 21.25 11.00
CA TRP C 338 -8.96 21.95 10.92
C TRP C 338 -8.87 23.14 9.97
N ARG C 339 -7.79 23.92 10.07
CA ARG C 339 -7.68 25.07 9.17
C ARG C 339 -7.54 24.63 7.73
N LEU C 340 -6.71 23.61 7.47
CA LEU C 340 -6.54 23.13 6.11
C LEU C 340 -7.85 22.61 5.54
N PHE C 341 -8.58 21.80 6.30
CA PHE C 341 -9.82 21.23 5.79
C PHE C 341 -10.89 22.28 5.65
N ALA C 342 -10.94 23.26 6.57
CA ALA C 342 -11.91 24.33 6.42
C ALA C 342 -11.64 25.14 5.16
N ALA C 343 -10.37 25.50 4.93
CA ALA C 343 -10.04 26.26 3.74
C ALA C 343 -10.33 25.47 2.48
N TRP C 344 -10.02 24.17 2.50
CA TRP C 344 -10.28 23.33 1.35
C TRP C 344 -11.77 23.19 1.07
N VAL C 345 -12.58 23.01 2.11
CA VAL C 345 -14.00 22.77 1.93
C VAL C 345 -14.72 24.04 1.53
N GLU C 346 -14.27 25.20 2.03
CA GLU C 346 -14.95 26.44 1.68
C GLU C 346 -14.78 26.83 0.22
N GLU C 347 -13.98 26.11 -0.57
CA GLU C 347 -13.81 26.46 -1.96
C GLU C 347 -15.12 26.36 -2.73
N VAL C 348 -15.87 25.29 -2.52
CA VAL C 348 -17.19 25.13 -3.13
C VAL C 348 -18.21 25.90 -2.30
N PRO C 349 -19.31 26.38 -2.89
CA PRO C 349 -20.32 27.06 -2.11
C PRO C 349 -21.03 26.09 -1.18
N PRO C 350 -21.55 26.57 -0.05
CA PRO C 350 -22.26 25.68 0.86
C PRO C 350 -23.52 25.14 0.20
N PRO C 351 -23.92 23.92 0.53
CA PRO C 351 -25.12 23.36 -0.08
C PRO C 351 -26.35 24.15 0.29
N THR C 352 -27.25 24.33 -0.67
CA THR C 352 -28.50 25.01 -0.42
C THR C 352 -29.44 24.10 0.36
N ASP C 353 -30.26 24.72 1.22
CA ASP C 353 -31.20 23.94 2.01
C ASP C 353 -32.24 23.25 1.14
N GLN C 354 -32.68 23.93 0.08
CA GLN C 354 -33.70 23.38 -0.82
C GLN C 354 -33.16 22.18 -1.59
N PRO D 7 3.00 21.12 -15.16
CA PRO D 7 2.50 19.96 -14.40
C PRO D 7 3.15 19.85 -13.03
N ARG D 8 2.38 19.40 -12.04
CA ARG D 8 2.93 19.20 -10.71
C ARG D 8 3.93 18.05 -10.73
N ASP D 9 5.04 18.24 -10.03
CA ASP D 9 6.06 17.20 -10.01
C ASP D 9 5.68 16.08 -9.04
N VAL D 10 6.39 14.97 -9.16
CA VAL D 10 6.11 13.81 -8.32
C VAL D 10 6.38 14.13 -6.85
N ALA D 11 7.38 14.95 -6.57
CA ALA D 11 7.73 15.24 -5.18
C ALA D 11 6.58 15.92 -4.46
N GLN D 12 5.96 16.91 -5.09
CA GLN D 12 4.86 17.62 -4.43
C GLN D 12 3.67 16.70 -4.22
N ILE D 13 3.33 15.88 -5.21
CA ILE D 13 2.18 14.98 -5.06
C ILE D 13 2.44 13.98 -3.94
N LEU D 14 3.62 13.39 -3.93
CA LEU D 14 3.94 12.40 -2.91
C LEU D 14 3.96 13.03 -1.52
N LEU D 15 4.56 14.21 -1.39
CA LEU D 15 4.63 14.85 -0.09
C LEU D 15 3.25 15.29 0.38
N SER D 16 2.41 15.77 -0.53
CA SER D 16 1.04 16.13 -0.15
C SER D 16 0.26 14.92 0.32
N VAL D 17 0.37 13.81 -0.42
CA VAL D 17 -0.32 12.58 0.00
C VAL D 17 0.19 12.12 1.36
N LEU D 18 1.51 12.13 1.54
CA LEU D 18 2.09 11.67 2.79
C LEU D 18 1.69 12.56 3.96
N PHE D 19 1.71 13.87 3.76
CA PHE D 19 1.35 14.78 4.84
C PHE D 19 -0.13 14.69 5.16
N LEU D 20 -0.99 14.56 4.15
CA LEU D 20 -2.41 14.40 4.42
C LEU D 20 -2.68 13.09 5.14
N ALA D 21 -1.99 12.02 4.77
CA ALA D 21 -2.15 10.75 5.47
C ALA D 21 -1.71 10.87 6.91
N ILE D 22 -0.57 11.53 7.15
CA ILE D 22 -0.11 11.71 8.53
C ILE D 22 -1.11 12.54 9.32
N MET D 23 -1.63 13.62 8.73
CA MET D 23 -2.58 14.47 9.43
C MET D 23 -3.84 13.69 9.78
N ILE D 24 -4.37 12.91 8.82
CA ILE D 24 -5.58 12.14 9.08
C ILE D 24 -5.34 11.11 10.16
N VAL D 25 -4.25 10.35 10.04
CA VAL D 25 -3.97 9.30 11.01
C VAL D 25 -3.74 9.87 12.39
N ALA D 26 -2.98 10.96 12.48
CA ALA D 26 -2.74 11.59 13.78
C ALA D 26 -4.01 12.15 14.38
N CYS D 27 -4.88 12.75 13.57
CA CYS D 27 -6.13 13.28 14.09
C CYS D 27 -7.04 12.17 14.60
N LEU D 28 -7.13 11.07 13.86
CA LEU D 28 -7.91 9.94 14.35
C LEU D 28 -7.30 9.36 15.63
N TRP D 29 -5.97 9.28 15.68
CA TRP D 29 -5.31 8.78 16.88
C TRP D 29 -5.61 9.67 18.08
N ILE D 30 -5.61 10.99 17.87
CA ILE D 30 -5.88 11.92 18.96
C ILE D 30 -7.33 11.82 19.41
N VAL D 31 -8.26 11.78 18.46
CA VAL D 31 -9.69 11.78 18.78
C VAL D 31 -10.21 10.41 19.20
N GLN D 32 -9.42 9.36 19.02
CA GLN D 32 -9.88 8.00 19.29
C GLN D 32 -10.52 7.82 20.66
N PRO D 33 -9.97 8.35 21.77
CA PRO D 33 -10.67 8.18 23.06
C PRO D 33 -12.09 8.72 23.05
N PHE D 34 -12.39 9.71 22.20
CA PHE D 34 -13.73 10.27 22.14
C PHE D 34 -14.60 9.66 21.06
N ILE D 35 -14.01 8.95 20.09
CA ILE D 35 -14.71 8.67 18.83
C ILE D 35 -16.02 7.93 19.09
N LEU D 36 -15.96 6.85 19.88
CA LEU D 36 -17.16 6.05 20.10
C LEU D 36 -18.22 6.86 20.82
N GLY D 37 -17.82 7.61 21.86
CA GLY D 37 -18.77 8.45 22.54
C GLY D 37 -19.43 9.44 21.60
N PHE D 38 -18.63 10.06 20.72
CA PHE D 38 -19.19 11.01 19.77
C PHE D 38 -20.16 10.31 18.83
N ALA D 39 -19.81 9.12 18.37
CA ALA D 39 -20.70 8.41 17.47
C ALA D 39 -22.05 8.18 18.13
N TRP D 40 -22.04 7.75 19.38
CA TRP D 40 -23.30 7.54 20.09
C TRP D 40 -24.04 8.86 20.28
N ALA D 41 -23.32 9.88 20.72
CA ALA D 41 -23.90 11.18 20.99
C ALA D 41 -23.88 11.95 19.69
N GLY D 42 -24.98 11.89 18.97
CA GLY D 42 -25.01 12.28 17.59
C GLY D 42 -25.79 11.25 16.81
N THR D 43 -25.57 9.95 17.07
CA THR D 43 -26.58 9.00 16.64
C THR D 43 -27.90 9.30 17.33
N VAL D 44 -27.85 9.42 18.66
CA VAL D 44 -29.02 9.83 19.42
C VAL D 44 -29.54 11.17 18.93
N VAL D 45 -28.63 12.10 18.62
CA VAL D 45 -29.07 13.45 18.27
C VAL D 45 -29.81 13.43 16.94
N ILE D 46 -29.32 12.66 15.97
CA ILE D 46 -30.06 12.52 14.72
C ILE D 46 -31.39 11.84 14.98
N ALA D 47 -31.39 10.86 15.88
CA ALA D 47 -32.60 10.09 16.16
C ALA D 47 -33.70 10.98 16.74
N THR D 48 -33.35 11.84 17.68
CA THR D 48 -34.34 12.59 18.45
C THR D 48 -34.45 14.04 18.03
N TRP D 49 -33.90 14.41 16.87
CA TRP D 49 -33.97 15.79 16.43
C TRP D 49 -35.40 16.32 16.32
N PRO D 50 -36.36 15.60 15.73
CA PRO D 50 -37.74 16.13 15.74
C PRO D 50 -38.29 16.36 17.13
N VAL D 51 -37.94 15.51 18.10
CA VAL D 51 -38.36 15.72 19.47
C VAL D 51 -37.77 17.03 19.99
N LEU D 52 -36.50 17.28 19.67
CA LEU D 52 -35.88 18.53 20.11
C LEU D 52 -36.57 19.73 19.49
N LEU D 53 -36.98 19.62 18.22
CA LEU D 53 -37.69 20.73 17.59
C LEU D 53 -39.06 20.95 18.24
N ARG D 54 -39.76 19.88 18.57
CA ARG D 54 -41.04 20.03 19.26
C ARG D 54 -40.85 20.70 20.61
N LEU D 55 -39.82 20.31 21.36
CA LEU D 55 -39.53 20.96 22.63
C LEU D 55 -39.17 22.42 22.42
N GLN D 56 -38.40 22.71 21.38
CA GLN D 56 -38.08 24.09 21.00
C GLN D 56 -39.34 24.90 20.83
N LYS D 57 -40.30 24.37 20.08
CA LYS D 57 -41.57 25.07 19.88
C LYS D 57 -42.30 25.25 21.21
N ILE D 58 -42.26 24.23 22.07
CA ILE D 58 -43.02 24.27 23.31
C ILE D 58 -42.49 25.36 24.24
N MET D 59 -41.17 25.38 24.46
CA MET D 59 -40.59 26.23 25.50
C MET D 59 -40.09 27.54 24.91
N PHE D 60 -41.05 28.33 24.43
CA PHE D 60 -40.85 29.73 24.07
C PHE D 60 -39.75 29.94 23.04
N GLY D 61 -39.40 28.90 22.30
CA GLY D 61 -38.34 29.04 21.30
C GLY D 61 -36.99 29.37 21.89
N ARG D 62 -36.64 28.74 23.01
CA ARG D 62 -35.33 28.91 23.65
C ARG D 62 -34.53 27.64 23.44
N ARG D 63 -33.50 27.71 22.60
CA ARG D 63 -32.69 26.52 22.33
C ARG D 63 -31.97 26.04 23.58
N SER D 64 -31.55 26.96 24.46
CA SER D 64 -30.90 26.56 25.69
C SER D 64 -31.83 25.72 26.55
N LEU D 65 -33.08 26.16 26.70
CA LEU D 65 -34.06 25.40 27.48
C LEU D 65 -34.31 24.03 26.86
N ALA D 66 -34.43 23.98 25.53
CA ALA D 66 -34.65 22.70 24.87
C ALA D 66 -33.48 21.75 25.07
N VAL D 67 -32.26 22.27 24.98
CA VAL D 67 -31.08 21.44 25.19
C VAL D 67 -31.04 20.92 26.61
N LEU D 68 -31.31 21.80 27.59
CA LEU D 68 -31.29 21.38 28.98
C LEU D 68 -32.33 20.29 29.24
N VAL D 69 -33.56 20.50 28.77
CA VAL D 69 -34.62 19.53 29.02
C VAL D 69 -34.32 18.22 28.30
N MET D 70 -33.79 18.29 27.09
CA MET D 70 -33.55 17.08 26.33
C MET D 70 -32.41 16.27 26.93
N THR D 71 -31.35 16.95 27.41
CA THR D 71 -30.28 16.23 28.07
C THR D 71 -30.73 15.64 29.40
N LEU D 72 -31.57 16.37 30.13
CA LEU D 72 -32.14 15.82 31.36
C LEU D 72 -32.98 14.59 31.05
N LEU D 73 -33.75 14.63 29.97
CA LEU D 73 -34.55 13.49 29.56
C LEU D 73 -33.66 12.30 29.19
N LEU D 74 -32.55 12.57 28.50
CA LEU D 74 -31.62 11.51 28.17
C LEU D 74 -31.05 10.87 29.42
N VAL D 75 -30.70 11.69 30.42
CA VAL D 75 -30.21 11.16 31.69
C VAL D 75 -31.28 10.30 32.35
N MET D 76 -32.52 10.79 32.38
CA MET D 76 -33.62 10.02 32.95
C MET D 76 -33.94 8.78 32.15
N VAL D 77 -33.43 8.68 30.92
CA VAL D 77 -33.52 7.42 30.18
C VAL D 77 -32.40 6.48 30.58
N PHE D 78 -31.18 7.00 30.79
CA PHE D 78 -30.09 6.16 31.27
C PHE D 78 -30.42 5.57 32.64
N ILE D 79 -30.53 6.44 33.64
CA ILE D 79 -31.03 5.99 34.94
C ILE D 79 -32.50 5.62 34.81
N ILE D 80 -32.93 4.65 35.60
CA ILE D 80 -34.31 4.18 35.61
C ILE D 80 -34.68 3.59 34.25
N PHE D 163 -25.37 3.97 34.57
CA PHE D 163 -23.92 4.12 34.57
C PHE D 163 -23.49 5.44 33.94
N MET D 164 -23.37 6.46 34.79
CA MET D 164 -22.94 7.77 34.32
C MET D 164 -21.45 7.80 34.00
N VAL D 165 -20.65 7.03 34.73
CA VAL D 165 -19.23 6.94 34.41
C VAL D 165 -19.06 6.38 33.00
N HIS D 166 -18.04 6.88 32.30
CA HIS D 166 -17.72 6.57 30.91
C HIS D 166 -18.87 6.90 29.98
N CYS D 167 -19.90 7.58 30.50
CA CYS D 167 -20.98 8.10 29.70
C CYS D 167 -21.18 9.60 29.88
N ALA D 168 -20.51 10.22 30.82
CA ALA D 168 -20.59 11.67 30.95
C ALA D 168 -20.06 12.36 29.72
N LEU D 169 -19.05 11.77 29.08
CA LEU D 169 -18.57 12.29 27.81
C LEU D 169 -19.66 12.19 26.74
N MET D 170 -20.40 11.07 26.73
CA MET D 170 -21.51 10.93 25.79
C MET D 170 -22.58 11.98 26.05
N LEU D 171 -22.93 12.22 27.31
CA LEU D 171 -23.92 13.25 27.62
C LEU D 171 -23.42 14.63 27.21
N LEU D 172 -22.14 14.91 27.42
CA LEU D 172 -21.60 16.21 27.05
C LEU D 172 -21.67 16.41 25.54
N PHE D 173 -21.27 15.40 24.78
CA PHE D 173 -21.34 15.52 23.32
C PHE D 173 -22.78 15.64 22.84
N SER D 174 -23.69 14.91 23.48
CA SER D 174 -25.10 15.03 23.12
C SER D 174 -25.61 16.45 23.37
N ALA D 175 -25.24 17.04 24.51
CA ALA D 175 -25.67 18.41 24.80
C ALA D 175 -25.09 19.38 23.78
N LEU D 176 -23.80 19.23 23.45
CA LEU D 176 -23.19 20.12 22.47
C LEU D 176 -23.87 20.00 21.12
N LEU D 177 -24.13 18.78 20.67
CA LEU D 177 -24.75 18.59 19.37
C LEU D 177 -26.20 19.05 19.37
N TYR D 178 -26.89 18.96 20.51
CA TYR D 178 -28.22 19.53 20.58
C TYR D 178 -28.16 21.05 20.50
N TRP D 179 -27.11 21.64 21.06
CA TRP D 179 -26.99 23.09 21.04
C TRP D 179 -26.63 23.61 19.65
N ARG D 180 -25.77 22.89 18.93
CA ARG D 180 -25.28 23.32 17.63
C ARG D 180 -25.51 22.25 16.57
N GLY D 181 -26.70 21.65 16.55
CA GLY D 181 -26.97 20.61 15.59
C GLY D 181 -26.98 21.10 14.16
N GLU D 182 -27.61 22.25 13.92
CA GLU D 182 -27.71 22.77 12.57
C GLU D 182 -26.33 23.08 12.00
N GLN D 183 -25.44 23.66 12.81
CA GLN D 183 -24.10 23.97 12.33
C GLN D 183 -23.34 22.72 11.97
N VAL D 184 -23.43 21.67 12.79
CA VAL D 184 -22.71 20.44 12.49
C VAL D 184 -23.30 19.75 11.27
N ALA D 185 -24.62 19.80 11.12
CA ALA D 185 -25.24 19.22 9.93
C ALA D 185 -24.80 19.98 8.69
N GLN D 186 -24.77 21.31 8.75
CA GLN D 186 -24.29 22.09 7.62
C GLN D 186 -22.85 21.75 7.29
N GLY D 187 -22.00 21.61 8.31
CA GLY D 187 -20.61 21.27 8.05
C GLY D 187 -20.45 19.90 7.41
N ILE D 188 -21.20 18.91 7.89
CA ILE D 188 -21.10 17.57 7.33
C ILE D 188 -21.59 17.57 5.88
N ARG D 189 -22.73 18.20 5.63
CA ARG D 189 -23.26 18.23 4.28
C ARG D 189 -22.36 19.00 3.34
N HIS D 190 -21.71 20.05 3.84
CA HIS D 190 -20.85 20.88 2.99
C HIS D 190 -19.55 20.16 2.68
N PHE D 191 -19.00 19.41 3.64
CA PHE D 191 -17.86 18.56 3.35
C PHE D 191 -18.21 17.48 2.35
N ALA D 192 -19.39 16.85 2.51
CA ALA D 192 -19.80 15.82 1.56
C ALA D 192 -19.99 16.42 0.17
N THR D 193 -20.56 17.62 0.09
CA THR D 193 -20.72 18.29 -1.19
C THR D 193 -19.36 18.55 -1.83
N ARG D 194 -18.37 18.95 -1.03
CA ARG D 194 -17.03 19.11 -1.59
C ARG D 194 -16.48 17.80 -2.12
N LEU D 195 -16.63 16.71 -1.36
CA LEU D 195 -16.17 15.41 -1.86
C LEU D 195 -16.91 15.01 -3.13
N ALA D 196 -18.21 14.79 -3.02
CA ALA D 196 -19.05 14.45 -4.16
C ALA D 196 -20.10 15.56 -4.32
N GLY D 197 -20.25 16.03 -5.55
CA GLY D 197 -21.06 17.22 -5.81
C GLY D 197 -22.43 17.23 -5.17
N VAL D 198 -23.32 16.35 -5.63
CA VAL D 198 -24.67 16.30 -5.09
C VAL D 198 -24.91 14.92 -4.52
N ARG D 199 -24.14 13.94 -5.01
CA ARG D 199 -24.26 12.59 -4.50
C ARG D 199 -23.87 12.51 -3.03
N GLY D 200 -22.86 13.29 -2.62
CA GLY D 200 -22.48 13.30 -1.21
C GLY D 200 -23.53 13.89 -0.31
N ASP D 201 -24.16 14.98 -0.74
CA ASP D 201 -25.23 15.59 0.05
C ASP D 201 -26.39 14.62 0.23
N ALA D 202 -26.80 13.97 -0.86
CA ALA D 202 -27.86 12.98 -0.78
C ALA D 202 -27.45 11.81 0.09
N ALA D 203 -26.18 11.42 0.05
CA ALA D 203 -25.71 10.34 0.92
C ALA D 203 -25.82 10.71 2.39
N VAL D 204 -25.45 11.95 2.73
CA VAL D 204 -25.54 12.37 4.13
C VAL D 204 -27.00 12.41 4.58
N LEU D 205 -27.88 12.96 3.74
CA LEU D 205 -29.29 12.99 4.10
C LEU D 205 -29.85 11.58 4.25
N LEU D 206 -29.43 10.66 3.38
CA LEU D 206 -29.86 9.28 3.50
C LEU D 206 -29.35 8.64 4.78
N ALA D 207 -28.11 8.93 5.15
CA ALA D 207 -27.57 8.36 6.39
C ALA D 207 -28.37 8.85 7.59
N ALA D 208 -28.72 10.13 7.61
CA ALA D 208 -29.57 10.63 8.69
C ALA D 208 -30.92 9.93 8.67
N GLN D 209 -31.49 9.73 7.48
CA GLN D 209 -32.79 9.11 7.35
C GLN D 209 -32.75 7.67 7.87
N ALA D 210 -31.69 6.94 7.54
CA ALA D 210 -31.53 5.57 7.99
C ALA D 210 -31.33 5.49 9.49
N ILE D 211 -30.55 6.41 10.05
CA ILE D 211 -30.40 6.44 11.51
C ILE D 211 -31.74 6.67 12.18
N ARG D 212 -32.54 7.60 11.65
CA ARG D 212 -33.86 7.83 12.21
C ARG D 212 -34.73 6.59 12.13
N ALA D 213 -34.69 5.90 10.99
CA ALA D 213 -35.49 4.69 10.83
C ALA D 213 -35.09 3.62 11.84
N VAL D 214 -33.80 3.35 11.94
CA VAL D 214 -33.33 2.30 12.85
C VAL D 214 -33.63 2.68 14.29
N ALA D 215 -33.51 3.95 14.63
CA ALA D 215 -33.81 4.40 15.99
C ALA D 215 -35.28 4.20 16.32
N LEU D 216 -36.17 4.54 15.39
CA LEU D 216 -37.58 4.29 15.64
C LEU D 216 -37.86 2.80 15.80
N GLY D 217 -37.20 1.97 14.98
CA GLY D 217 -37.34 0.53 15.14
C GLY D 217 -36.91 0.05 16.51
N VAL D 218 -35.78 0.57 17.00
CA VAL D 218 -35.28 0.17 18.30
C VAL D 218 -36.22 0.62 19.42
N VAL D 219 -36.73 1.84 19.31
CA VAL D 219 -37.68 2.33 20.32
C VAL D 219 -38.92 1.46 20.35
N VAL D 220 -39.44 1.11 19.17
CA VAL D 220 -40.62 0.26 19.11
C VAL D 220 -40.32 -1.12 19.68
N THR D 221 -39.12 -1.65 19.41
CA THR D 221 -38.73 -2.94 19.97
C THR D 221 -38.72 -2.89 21.49
N ALA D 222 -38.12 -1.84 22.06
CA ALA D 222 -38.08 -1.71 23.51
C ALA D 222 -39.48 -1.58 24.09
N LEU D 223 -40.34 -0.81 23.43
CA LEU D 223 -41.72 -0.65 23.91
C LEU D 223 -42.46 -1.98 23.87
N VAL D 224 -42.30 -2.75 22.80
CA VAL D 224 -42.98 -4.03 22.68
C VAL D 224 -42.45 -5.02 23.72
N GLN D 225 -41.14 -4.99 23.97
CA GLN D 225 -40.58 -5.84 25.02
C GLN D 225 -41.14 -5.47 26.38
N ALA D 226 -41.29 -4.17 26.66
CA ALA D 226 -41.89 -3.74 27.92
C ALA D 226 -43.34 -4.20 28.03
N VAL D 227 -44.09 -4.11 26.93
CA VAL D 227 -45.48 -4.55 26.93
C VAL D 227 -45.56 -6.04 27.20
N LEU D 228 -44.71 -6.82 26.53
CA LEU D 228 -44.67 -8.26 26.75
C LEU D 228 -44.09 -8.64 28.09
N GLY D 229 -43.48 -7.69 28.81
CA GLY D 229 -43.00 -7.99 30.15
C GLY D 229 -44.11 -8.43 31.08
N GLY D 230 -45.28 -7.84 30.95
CA GLY D 230 -46.43 -8.22 31.75
C GLY D 230 -46.51 -7.50 33.08
N THR D 276 -33.20 -10.18 22.90
CA THR D 276 -33.24 -8.90 22.21
C THR D 276 -32.88 -9.05 20.73
N TRP D 277 -32.18 -10.14 20.40
CA TRP D 277 -31.78 -10.38 19.02
C TRP D 277 -33.00 -10.57 18.12
N GLY D 278 -33.89 -11.49 18.50
CA GLY D 278 -35.05 -11.75 17.66
C GLY D 278 -36.12 -10.69 17.74
N THR D 279 -36.19 -9.98 18.87
CA THR D 279 -37.25 -8.98 19.04
C THR D 279 -37.08 -7.83 18.04
N VAL D 280 -35.85 -7.36 17.85
CA VAL D 280 -35.61 -6.26 16.91
C VAL D 280 -36.00 -6.68 15.50
N LEU D 281 -35.60 -7.89 15.10
CA LEU D 281 -35.90 -8.39 13.76
C LEU D 281 -37.40 -8.54 13.55
N LEU D 282 -38.10 -9.13 14.54
CA LEU D 282 -39.54 -9.29 14.43
C LEU D 282 -40.24 -7.94 14.36
N VAL D 283 -39.79 -6.99 15.17
CA VAL D 283 -40.38 -5.65 15.15
C VAL D 283 -40.15 -4.99 13.79
N TRP D 284 -38.95 -5.17 13.22
CA TRP D 284 -38.67 -4.61 11.91
C TRP D 284 -39.57 -5.20 10.85
N SER D 285 -39.77 -6.52 10.87
CA SER D 285 -40.68 -7.13 9.91
C SER D 285 -42.11 -6.63 10.11
N GLY D 286 -42.55 -6.50 11.36
CA GLY D 286 -43.91 -6.04 11.61
C GLY D 286 -44.13 -4.60 11.21
N VAL D 287 -43.11 -3.76 11.39
CA VAL D 287 -43.26 -2.32 11.13
C VAL D 287 -43.50 -2.06 9.65
N VAL D 288 -42.75 -2.72 8.78
CA VAL D 288 -42.76 -2.40 7.36
C VAL D 288 -43.23 -3.55 6.47
N GLY D 289 -43.27 -4.78 6.97
CA GLY D 289 -43.67 -5.91 6.15
C GLY D 289 -45.02 -5.77 5.49
N THR D 290 -46.09 -5.77 6.28
CA THR D 290 -47.42 -5.49 5.77
C THR D 290 -47.83 -4.04 5.96
N LEU D 291 -47.18 -3.31 6.87
CA LEU D 291 -47.45 -1.90 7.10
C LEU D 291 -46.38 -1.08 6.37
N ASP D 292 -46.64 -0.82 5.09
CA ASP D 292 -45.64 -0.12 4.29
C ASP D 292 -45.52 1.34 4.72
N ASN D 293 -46.57 2.13 4.49
CA ASN D 293 -46.57 3.51 4.96
C ASN D 293 -47.92 4.00 5.50
N VAL D 294 -49.00 3.21 5.41
CA VAL D 294 -50.34 3.78 5.53
C VAL D 294 -50.69 4.08 6.99
N ILE D 295 -50.75 3.06 7.84
CA ILE D 295 -51.21 3.27 9.21
C ILE D 295 -50.16 4.07 9.97
N ARG D 296 -50.62 4.88 10.93
CA ARG D 296 -49.81 5.89 11.59
C ARG D 296 -49.20 6.77 10.50
N PRO D 297 -50.00 7.63 9.87
CA PRO D 297 -49.54 8.31 8.66
C PRO D 297 -48.37 9.25 8.94
N MET D 298 -47.57 9.46 7.89
CA MET D 298 -46.37 10.32 7.89
C MET D 298 -45.46 10.03 9.09
N LEU D 299 -45.55 8.83 9.65
CA LEU D 299 -44.74 8.45 10.79
C LEU D 299 -43.80 7.29 10.52
N ILE D 300 -44.13 6.42 9.55
CA ILE D 300 -43.24 5.34 9.16
C ILE D 300 -42.79 5.67 7.74
N ARG D 301 -42.71 6.96 7.43
CA ARG D 301 -42.19 7.37 6.13
C ARG D 301 -40.69 7.20 6.03
N MET D 302 -40.02 6.76 7.09
CA MET D 302 -38.60 6.41 7.00
C MET D 302 -38.40 5.25 6.04
N GLY D 303 -39.12 4.15 6.24
CA GLY D 303 -38.94 2.97 5.42
C GLY D 303 -39.41 3.11 4.00
N ALA D 304 -40.21 4.14 3.70
CA ALA D 304 -40.71 4.32 2.35
C ALA D 304 -39.60 4.63 1.36
N ASP D 305 -38.47 5.14 1.84
CA ASP D 305 -37.35 5.51 0.98
C ASP D 305 -36.18 4.55 1.10
N LEU D 306 -36.29 3.49 1.91
CA LEU D 306 -35.16 2.62 2.18
C LEU D 306 -35.53 1.17 1.94
N PRO D 307 -34.58 0.36 1.47
CA PRO D 307 -34.88 -1.05 1.22
C PRO D 307 -34.99 -1.84 2.50
N LEU D 308 -35.96 -2.76 2.52
CA LEU D 308 -36.11 -3.66 3.66
C LEU D 308 -34.87 -4.53 3.83
N ILE D 309 -34.44 -5.20 2.76
CA ILE D 309 -33.31 -6.11 2.84
C ILE D 309 -32.07 -5.37 3.29
N LEU D 310 -31.88 -4.15 2.80
CA LEU D 310 -30.69 -3.38 3.15
C LEU D 310 -30.64 -3.08 4.64
N ILE D 311 -31.76 -2.62 5.20
CA ILE D 311 -31.80 -2.30 6.63
C ILE D 311 -31.60 -3.55 7.47
N LEU D 312 -32.29 -4.64 7.10
CA LEU D 312 -32.21 -5.86 7.89
C LEU D 312 -30.78 -6.41 7.89
N SER D 313 -30.18 -6.51 6.71
CA SER D 313 -28.81 -7.01 6.62
C SER D 313 -27.84 -6.07 7.30
N GLY D 314 -28.05 -4.76 7.20
CA GLY D 314 -27.18 -3.82 7.89
C GLY D 314 -27.24 -3.99 9.39
N VAL D 315 -28.45 -4.12 9.93
CA VAL D 315 -28.58 -4.31 11.38
C VAL D 315 -27.87 -5.58 11.82
N ILE D 316 -28.12 -6.69 11.12
CA ILE D 316 -27.54 -7.96 11.54
C ILE D 316 -26.01 -7.92 11.44
N GLY D 317 -25.50 -7.46 10.29
CA GLY D 317 -24.06 -7.39 10.11
C GLY D 317 -23.38 -6.42 11.05
N GLY D 318 -24.04 -5.30 11.36
CA GLY D 318 -23.48 -4.37 12.31
C GLY D 318 -23.40 -4.95 13.71
N LEU D 319 -24.47 -5.61 14.15
CA LEU D 319 -24.42 -6.26 15.46
C LEU D 319 -23.32 -7.29 15.51
N ILE D 320 -23.19 -8.10 14.46
CA ILE D 320 -22.20 -9.17 14.49
C ILE D 320 -20.79 -8.60 14.43
N ALA D 321 -20.59 -7.55 13.64
CA ALA D 321 -19.25 -7.03 13.38
C ALA D 321 -18.80 -6.01 14.42
N PHE D 322 -19.58 -4.96 14.64
CA PHE D 322 -19.20 -3.88 15.53
C PHE D 322 -19.77 -4.05 16.94
N GLY D 323 -21.07 -4.33 17.05
CA GLY D 323 -21.64 -4.69 18.33
C GLY D 323 -22.36 -3.54 19.01
N MET D 324 -23.69 -3.53 18.87
CA MET D 324 -24.58 -2.61 19.57
C MET D 324 -24.41 -1.19 19.06
N ILE D 325 -23.36 -0.94 18.29
CA ILE D 325 -23.20 0.30 17.56
C ILE D 325 -23.29 0.08 16.06
N GLY D 326 -22.91 -1.09 15.58
CA GLY D 326 -23.24 -1.47 14.22
C GLY D 326 -24.74 -1.55 13.99
N LEU D 327 -25.52 -1.56 15.06
CA LEU D 327 -26.96 -1.44 14.93
C LEU D 327 -27.35 -0.21 14.15
N PHE D 328 -26.53 0.84 14.23
CA PHE D 328 -26.72 2.05 13.43
C PHE D 328 -25.68 2.21 12.33
N ILE D 329 -24.46 1.71 12.53
CA ILE D 329 -23.43 1.85 11.52
C ILE D 329 -23.75 1.01 10.29
N GLY D 330 -24.18 -0.23 10.51
CA GLY D 330 -24.46 -1.15 9.43
C GLY D 330 -25.47 -0.63 8.44
N PRO D 331 -26.67 -0.29 8.92
CA PRO D 331 -27.67 0.31 8.00
C PRO D 331 -27.16 1.56 7.31
N VAL D 332 -26.44 2.43 8.03
CA VAL D 332 -25.94 3.65 7.41
C VAL D 332 -24.94 3.34 6.32
N LEU D 333 -23.94 2.50 6.62
CA LEU D 333 -22.94 2.17 5.63
C LEU D 333 -23.56 1.50 4.42
N LEU D 334 -24.44 0.53 4.64
CA LEU D 334 -25.03 -0.18 3.51
C LEU D 334 -25.92 0.74 2.68
N ALA D 335 -26.74 1.56 3.32
CA ALA D 335 -27.62 2.45 2.56
C ALA D 335 -26.84 3.47 1.77
N VAL D 336 -25.82 4.09 2.40
CA VAL D 336 -25.03 5.10 1.71
C VAL D 336 -24.27 4.48 0.56
N SER D 337 -23.64 3.32 0.79
CA SER D 337 -22.90 2.67 -0.28
C SER D 337 -23.82 2.25 -1.41
N TRP D 338 -25.00 1.74 -1.08
CA TRP D 338 -25.94 1.33 -2.12
C TRP D 338 -26.37 2.52 -2.95
N ARG D 339 -26.71 3.64 -2.32
CA ARG D 339 -27.13 4.80 -3.10
C ARG D 339 -26.00 5.33 -3.96
N LEU D 340 -24.78 5.42 -3.40
CA LEU D 340 -23.66 5.91 -4.19
C LEU D 340 -23.38 5.00 -5.37
N PHE D 341 -23.35 3.69 -5.16
CA PHE D 341 -23.03 2.78 -6.24
C PHE D 341 -24.16 2.72 -7.26
N ALA D 342 -25.41 2.82 -6.82
CA ALA D 342 -26.52 2.86 -7.77
C ALA D 342 -26.43 4.10 -8.65
N ALA D 343 -26.21 5.26 -8.03
CA ALA D 343 -26.10 6.49 -8.81
C ALA D 343 -24.92 6.42 -9.76
N TRP D 344 -23.79 5.88 -9.30
CA TRP D 344 -22.61 5.79 -10.15
C TRP D 344 -22.85 4.84 -11.32
N VAL D 345 -23.48 3.70 -11.06
CA VAL D 345 -23.66 2.69 -12.11
C VAL D 345 -24.72 3.13 -13.11
N GLU D 346 -25.73 3.85 -12.67
CA GLU D 346 -26.78 4.28 -13.60
C GLU D 346 -26.30 5.30 -14.62
N GLU D 347 -25.07 5.79 -14.51
CA GLU D 347 -24.59 6.79 -15.47
C GLU D 347 -24.53 6.22 -16.87
N VAL D 348 -24.04 5.00 -17.03
CA VAL D 348 -24.03 4.32 -18.33
C VAL D 348 -25.39 3.68 -18.55
N PRO D 349 -25.82 3.49 -19.80
CA PRO D 349 -27.10 2.83 -20.03
C PRO D 349 -27.03 1.37 -19.66
N PRO D 350 -28.15 0.75 -19.28
CA PRO D 350 -28.13 -0.67 -18.95
C PRO D 350 -27.76 -1.49 -20.16
N PRO D 351 -27.09 -2.62 -19.97
CA PRO D 351 -26.71 -3.46 -21.10
C PRO D 351 -27.94 -4.01 -21.82
N THR D 352 -27.88 -4.04 -23.14
CA THR D 352 -28.96 -4.61 -23.92
C THR D 352 -28.93 -6.13 -23.82
N ASP D 353 -30.12 -6.73 -23.87
CA ASP D 353 -30.21 -8.18 -23.78
C ASP D 353 -29.55 -8.85 -24.98
N GLN D 354 -29.70 -8.26 -26.16
CA GLN D 354 -29.13 -8.83 -27.38
C GLN D 354 -27.61 -8.79 -27.35
N PRO E 7 -8.03 21.26 -12.89
CA PRO E 7 -7.65 19.90 -12.48
C PRO E 7 -8.04 19.62 -11.03
N ARG E 8 -8.44 18.38 -10.75
CA ARG E 8 -8.75 18.00 -9.37
C ARG E 8 -7.50 18.02 -8.52
N ASP E 9 -7.62 18.54 -7.31
CA ASP E 9 -6.47 18.61 -6.43
C ASP E 9 -6.20 17.25 -5.79
N VAL E 10 -5.01 17.14 -5.20
CA VAL E 10 -4.60 15.88 -4.58
C VAL E 10 -5.49 15.55 -3.39
N ALA E 11 -5.95 16.57 -2.66
CA ALA E 11 -6.77 16.31 -1.48
C ALA E 11 -8.06 15.59 -1.85
N GLN E 12 -8.75 16.05 -2.89
CA GLN E 12 -10.00 15.41 -3.27
C GLN E 12 -9.78 13.98 -3.75
N ILE E 13 -8.74 13.76 -4.55
CA ILE E 13 -8.47 12.41 -5.05
C ILE E 13 -8.16 11.47 -3.89
N LEU E 14 -7.30 11.92 -2.98
CA LEU E 14 -6.92 11.06 -1.86
C LEU E 14 -8.11 10.79 -0.95
N LEU E 15 -8.91 11.81 -0.67
CA LEU E 15 -10.06 11.61 0.20
C LEU E 15 -11.11 10.72 -0.46
N SER E 16 -11.31 10.87 -1.76
CA SER E 16 -12.25 9.99 -2.46
C SER E 16 -11.76 8.54 -2.42
N VAL E 17 -10.48 8.32 -2.69
CA VAL E 17 -9.94 6.96 -2.62
C VAL E 17 -10.09 6.39 -1.23
N LEU E 18 -9.74 7.19 -0.22
CA LEU E 18 -9.81 6.72 1.16
C LEU E 18 -11.24 6.41 1.58
N PHE E 19 -12.18 7.28 1.22
CA PHE E 19 -13.57 7.06 1.60
C PHE E 19 -14.15 5.85 0.87
N LEU E 20 -13.83 5.69 -0.42
CA LEU E 20 -14.31 4.52 -1.15
C LEU E 20 -13.72 3.24 -0.57
N ALA E 21 -12.44 3.27 -0.20
CA ALA E 21 -11.84 2.10 0.43
C ALA E 21 -12.51 1.77 1.76
N ILE E 22 -12.78 2.80 2.57
CA ILE E 22 -13.46 2.57 3.84
C ILE E 22 -14.86 2.00 3.60
N MET E 23 -15.59 2.56 2.64
CA MET E 23 -16.93 2.07 2.36
C MET E 23 -16.91 0.62 1.90
N ILE E 24 -15.99 0.28 1.00
CA ILE E 24 -15.91 -1.09 0.52
C ILE E 24 -15.54 -2.04 1.64
N VAL E 25 -14.51 -1.69 2.41
CA VAL E 25 -14.06 -2.57 3.49
C VAL E 25 -15.15 -2.74 4.54
N ALA E 26 -15.81 -1.65 4.91
CA ALA E 26 -16.87 -1.74 5.91
C ALA E 26 -18.05 -2.55 5.40
N CYS E 27 -18.41 -2.40 4.12
CA CYS E 27 -19.52 -3.17 3.58
C CYS E 27 -19.19 -4.66 3.54
N LEU E 28 -17.97 -5.00 3.13
CA LEU E 28 -17.57 -6.41 3.17
C LEU E 28 -17.54 -6.93 4.59
N TRP E 29 -17.07 -6.12 5.54
CA TRP E 29 -17.06 -6.54 6.94
C TRP E 29 -18.46 -6.79 7.44
N ILE E 30 -19.42 -5.94 7.06
CA ILE E 30 -20.79 -6.10 7.51
C ILE E 30 -21.43 -7.33 6.89
N VAL E 31 -21.22 -7.52 5.58
CA VAL E 31 -21.87 -8.63 4.87
C VAL E 31 -21.15 -9.95 5.05
N GLN E 32 -19.96 -9.94 5.64
CA GLN E 32 -19.17 -11.17 5.77
C GLN E 32 -19.92 -12.36 6.37
N PRO E 33 -20.72 -12.21 7.44
CA PRO E 33 -21.47 -13.38 7.94
C PRO E 33 -22.37 -14.00 6.89
N PHE E 34 -22.83 -13.23 5.90
CA PHE E 34 -23.70 -13.78 4.87
C PHE E 34 -22.96 -14.19 3.60
N ILE E 35 -21.70 -13.75 3.42
CA ILE E 35 -21.09 -13.80 2.09
C ILE E 35 -21.07 -15.21 1.55
N LEU E 36 -20.57 -16.16 2.34
CA LEU E 36 -20.45 -17.53 1.86
C LEU E 36 -21.82 -18.11 1.52
N GLY E 37 -22.79 -17.90 2.40
CA GLY E 37 -24.13 -18.36 2.11
C GLY E 37 -24.67 -17.79 0.83
N PHE E 38 -24.46 -16.49 0.61
CA PHE E 38 -24.92 -15.87 -0.62
C PHE E 38 -24.23 -16.47 -1.82
N ALA E 39 -22.92 -16.70 -1.72
CA ALA E 39 -22.19 -17.29 -2.83
C ALA E 39 -22.79 -18.63 -3.21
N TRP E 40 -23.08 -19.46 -2.22
CA TRP E 40 -23.69 -20.75 -2.52
C TRP E 40 -25.08 -20.58 -3.10
N ALA E 41 -25.87 -19.72 -2.49
CA ALA E 41 -27.25 -19.48 -2.91
C ALA E 41 -27.20 -18.41 -3.97
N GLY E 42 -27.15 -18.85 -5.22
CA GLY E 42 -26.79 -17.98 -6.31
C GLY E 42 -25.83 -18.72 -7.21
N THR E 43 -24.86 -19.45 -6.65
CA THR E 43 -24.21 -20.47 -7.47
C THR E 43 -25.24 -21.50 -7.89
N VAL E 44 -25.98 -22.02 -6.92
CA VAL E 44 -27.08 -22.93 -7.22
C VAL E 44 -28.08 -22.27 -8.16
N VAL E 45 -28.37 -20.99 -7.93
CA VAL E 45 -29.42 -20.33 -8.73
C VAL E 45 -28.98 -20.20 -10.18
N ILE E 46 -27.72 -19.86 -10.42
CA ILE E 46 -27.22 -19.84 -11.78
C ILE E 46 -27.25 -21.24 -12.37
N ALA E 47 -26.92 -22.24 -11.54
CA ALA E 47 -26.86 -23.61 -12.02
C ALA E 47 -28.22 -24.11 -12.49
N THR E 48 -29.27 -23.84 -11.72
CA THR E 48 -30.58 -24.42 -11.96
C THR E 48 -31.56 -23.45 -12.59
N TRP E 49 -31.09 -22.34 -13.13
CA TRP E 49 -32.00 -21.37 -13.74
C TRP E 49 -32.85 -21.97 -14.86
N PRO E 50 -32.30 -22.75 -15.80
CA PRO E 50 -33.17 -23.36 -16.82
C PRO E 50 -34.25 -24.26 -16.22
N VAL E 51 -33.93 -24.96 -15.14
CA VAL E 51 -34.93 -25.77 -14.45
C VAL E 51 -36.04 -24.87 -13.92
N LEU E 52 -35.66 -23.73 -13.33
CA LEU E 52 -36.66 -22.80 -12.83
C LEU E 52 -37.54 -22.29 -13.96
N LEU E 53 -36.95 -22.02 -15.13
CA LEU E 53 -37.76 -21.55 -16.25
C LEU E 53 -38.72 -22.63 -16.73
N ARG E 54 -38.27 -23.88 -16.77
CA ARG E 54 -39.16 -24.97 -17.15
C ARG E 54 -40.31 -25.09 -16.17
N LEU E 55 -40.03 -25.00 -14.87
CA LEU E 55 -41.10 -25.04 -13.87
C LEU E 55 -42.03 -23.85 -14.04
N GLN E 56 -41.48 -22.67 -14.33
CA GLN E 56 -42.28 -21.49 -14.63
C GLN E 56 -43.28 -21.78 -15.74
N LYS E 57 -42.79 -22.37 -16.83
CA LYS E 57 -43.67 -22.71 -17.94
C LYS E 57 -44.72 -23.73 -17.51
N ILE E 58 -44.33 -24.70 -16.68
CA ILE E 58 -45.24 -25.76 -16.30
C ILE E 58 -46.39 -25.22 -15.45
N MET E 59 -46.09 -24.44 -14.42
CA MET E 59 -47.08 -24.05 -13.43
C MET E 59 -47.68 -22.69 -13.76
N PHE E 60 -48.38 -22.64 -14.88
CA PHE E 60 -49.26 -21.54 -15.26
C PHE E 60 -48.53 -20.19 -15.30
N GLY E 61 -47.21 -20.20 -15.43
CA GLY E 61 -46.47 -18.96 -15.46
C GLY E 61 -46.57 -18.14 -14.19
N ARG E 62 -46.52 -18.79 -13.04
CA ARG E 62 -46.55 -18.12 -11.74
C ARG E 62 -45.15 -18.24 -11.13
N ARG E 63 -44.44 -17.11 -11.06
CA ARG E 63 -43.10 -17.12 -10.51
C ARG E 63 -43.10 -17.51 -9.03
N SER E 64 -44.13 -17.11 -8.29
CA SER E 64 -44.20 -17.49 -6.88
C SER E 64 -44.29 -19.02 -6.74
N LEU E 65 -45.12 -19.66 -7.54
CA LEU E 65 -45.23 -21.11 -7.49
C LEU E 65 -43.92 -21.78 -7.87
N ALA E 66 -43.25 -21.26 -8.90
CA ALA E 66 -41.97 -21.83 -9.31
C ALA E 66 -40.93 -21.69 -8.21
N VAL E 67 -40.88 -20.53 -7.55
CA VAL E 67 -39.93 -20.33 -6.46
C VAL E 67 -40.22 -21.28 -5.32
N LEU E 68 -41.50 -21.41 -4.95
CA LEU E 68 -41.86 -22.31 -3.85
C LEU E 68 -41.46 -23.74 -4.16
N VAL E 69 -41.82 -24.22 -5.35
CA VAL E 69 -41.52 -25.60 -5.72
C VAL E 69 -40.02 -25.82 -5.80
N MET E 70 -39.28 -24.85 -6.35
CA MET E 70 -37.85 -25.03 -6.52
C MET E 70 -37.13 -25.02 -5.18
N THR E 71 -37.55 -24.15 -4.26
CA THR E 71 -36.95 -24.16 -2.92
C THR E 71 -37.31 -25.44 -2.17
N LEU E 72 -38.54 -25.92 -2.32
CA LEU E 72 -38.90 -27.20 -1.71
C LEU E 72 -38.05 -28.33 -2.28
N LEU E 73 -37.80 -28.30 -3.59
CA LEU E 73 -36.94 -29.30 -4.21
C LEU E 73 -35.52 -29.21 -3.68
N LEU E 74 -35.02 -27.99 -3.49
CA LEU E 74 -33.69 -27.83 -2.92
C LEU E 74 -33.62 -28.41 -1.52
N VAL E 75 -34.66 -28.18 -0.70
CA VAL E 75 -34.70 -28.76 0.63
C VAL E 75 -34.71 -30.28 0.55
N MET E 76 -35.53 -30.84 -0.34
CA MET E 76 -35.58 -32.28 -0.53
C MET E 76 -34.28 -32.83 -1.10
N VAL E 77 -33.42 -31.97 -1.63
CA VAL E 77 -32.07 -32.40 -2.01
C VAL E 77 -31.16 -32.40 -0.79
N PHE E 78 -31.25 -31.38 0.06
CA PHE E 78 -30.47 -31.37 1.29
C PHE E 78 -30.79 -32.57 2.16
N ILE E 79 -32.03 -32.63 2.66
CA ILE E 79 -32.49 -33.81 3.35
C ILE E 79 -32.62 -34.96 2.34
N ILE E 80 -32.40 -36.18 2.81
CA ILE E 80 -32.48 -37.37 1.97
C ILE E 80 -31.45 -37.31 0.85
N PHE E 163 -28.81 -31.03 7.21
CA PHE E 163 -28.43 -29.99 8.15
C PHE E 163 -29.03 -28.64 7.76
N MET E 164 -30.23 -28.38 8.26
CA MET E 164 -30.90 -27.11 7.98
C MET E 164 -30.26 -25.95 8.74
N VAL E 165 -29.74 -26.20 9.95
CA VAL E 165 -29.03 -25.17 10.67
C VAL E 165 -27.83 -24.70 9.86
N HIS E 166 -27.53 -23.41 9.94
CA HIS E 166 -26.47 -22.71 9.21
C HIS E 166 -26.67 -22.85 7.70
N CYS E 167 -27.81 -23.39 7.29
CA CYS E 167 -28.18 -23.44 5.88
C CYS E 167 -29.53 -22.79 5.61
N ALA E 168 -30.28 -22.43 6.65
CA ALA E 168 -31.53 -21.71 6.43
C ALA E 168 -31.29 -20.37 5.76
N LEU E 169 -30.16 -19.73 6.09
CA LEU E 169 -29.78 -18.52 5.37
C LEU E 169 -29.52 -18.80 3.90
N MET E 170 -28.87 -19.92 3.60
CA MET E 170 -28.66 -20.31 2.21
C MET E 170 -29.98 -20.53 1.49
N LEU E 171 -30.92 -21.22 2.13
CA LEU E 171 -32.22 -21.43 1.50
C LEU E 171 -32.95 -20.12 1.30
N LEU E 172 -32.87 -19.20 2.26
CA LEU E 172 -33.53 -17.92 2.12
C LEU E 172 -32.96 -17.13 0.95
N PHE E 173 -31.63 -17.08 0.84
CA PHE E 173 -31.02 -16.38 -0.28
C PHE E 173 -31.35 -17.04 -1.60
N SER E 174 -31.40 -18.38 -1.63
CA SER E 174 -31.80 -19.07 -2.85
C SER E 174 -33.21 -18.71 -3.25
N ALA E 175 -34.13 -18.66 -2.29
CA ALA E 175 -35.50 -18.29 -2.60
C ALA E 175 -35.58 -16.86 -3.13
N LEU E 176 -34.86 -15.94 -2.48
CA LEU E 176 -34.88 -14.55 -2.94
C LEU E 176 -34.34 -14.44 -4.35
N LEU E 177 -33.21 -15.11 -4.63
CA LEU E 177 -32.62 -15.02 -5.96
C LEU E 177 -33.47 -15.71 -7.01
N TYR E 178 -34.20 -16.76 -6.62
CA TYR E 178 -35.14 -17.35 -7.56
C TYR E 178 -36.29 -16.40 -7.85
N TRP E 179 -36.70 -15.62 -6.85
CA TRP E 179 -37.80 -14.69 -7.03
C TRP E 179 -37.39 -13.50 -7.89
N ARG E 180 -36.18 -13.00 -7.72
CA ARG E 180 -35.70 -11.81 -8.41
C ARG E 180 -34.38 -12.08 -9.13
N GLY E 181 -34.31 -13.20 -9.84
CA GLY E 181 -33.07 -13.53 -10.53
C GLY E 181 -32.75 -12.59 -11.67
N GLU E 182 -33.77 -12.23 -12.46
CA GLU E 182 -33.53 -11.35 -13.59
C GLU E 182 -33.03 -9.98 -13.14
N GLN E 183 -33.61 -9.44 -12.06
CA GLN E 183 -33.17 -8.14 -11.56
C GLN E 183 -31.72 -8.19 -11.11
N VAL E 184 -31.34 -9.24 -10.38
CA VAL E 184 -29.96 -9.33 -9.89
C VAL E 184 -29.00 -9.54 -11.06
N ALA E 185 -29.40 -10.33 -12.05
CA ALA E 185 -28.55 -10.51 -13.23
C ALA E 185 -28.38 -9.19 -13.98
N GLN E 186 -29.46 -8.43 -14.14
CA GLN E 186 -29.35 -7.12 -14.77
C GLN E 186 -28.44 -6.20 -13.99
N GLY E 187 -28.56 -6.20 -12.67
CA GLY E 187 -27.70 -5.36 -11.86
C GLY E 187 -26.23 -5.73 -11.98
N ILE E 188 -25.93 -7.03 -11.95
CA ILE E 188 -24.53 -7.47 -12.06
C ILE E 188 -23.98 -7.11 -13.44
N ARG E 189 -24.74 -7.38 -14.49
CA ARG E 189 -24.26 -7.09 -15.83
C ARG E 189 -24.10 -5.59 -16.03
N HIS E 190 -24.98 -4.79 -15.43
CA HIS E 190 -24.92 -3.35 -15.61
C HIS E 190 -23.75 -2.75 -14.85
N PHE E 191 -23.46 -3.26 -13.66
CA PHE E 191 -22.25 -2.86 -12.95
C PHE E 191 -21.01 -3.25 -13.73
N ALA E 192 -20.98 -4.47 -14.27
CA ALA E 192 -19.83 -4.88 -15.06
C ALA E 192 -19.66 -4.00 -16.29
N THR E 193 -20.77 -3.66 -16.95
CA THR E 193 -20.72 -2.77 -18.09
C THR E 193 -20.14 -1.42 -17.71
N ARG E 194 -20.53 -0.90 -16.54
CA ARG E 194 -19.93 0.35 -16.09
C ARG E 194 -18.43 0.21 -15.86
N LEU E 195 -18.00 -0.88 -15.22
CA LEU E 195 -16.57 -1.09 -15.05
C LEU E 195 -15.85 -1.21 -16.39
N ALA E 196 -16.16 -2.26 -17.14
CA ALA E 196 -15.61 -2.47 -18.47
C ALA E 196 -16.74 -2.45 -19.47
N GLY E 197 -16.56 -1.70 -20.55
CA GLY E 197 -17.65 -1.43 -21.48
C GLY E 197 -18.44 -2.64 -21.93
N VAL E 198 -17.81 -3.52 -22.70
CA VAL E 198 -18.49 -4.71 -23.21
C VAL E 198 -17.75 -5.94 -22.71
N ARG E 199 -16.47 -5.76 -22.38
CA ARG E 199 -15.69 -6.86 -21.85
C ARG E 199 -16.24 -7.33 -20.51
N GLY E 200 -16.72 -6.42 -19.68
CA GLY E 200 -17.30 -6.81 -18.40
C GLY E 200 -18.59 -7.60 -18.56
N ASP E 201 -19.45 -7.19 -19.49
CA ASP E 201 -20.69 -7.93 -19.72
C ASP E 201 -20.39 -9.34 -20.21
N ALA E 202 -19.47 -9.47 -21.15
CA ALA E 202 -19.07 -10.79 -21.63
C ALA E 202 -18.44 -11.60 -20.51
N ALA E 203 -17.68 -10.96 -19.63
CA ALA E 203 -17.10 -11.68 -18.50
C ALA E 203 -18.17 -12.23 -17.58
N VAL E 204 -19.20 -11.44 -17.30
CA VAL E 204 -20.28 -11.91 -16.42
C VAL E 204 -21.02 -13.07 -17.07
N LEU E 205 -21.33 -12.94 -18.36
CA LEU E 205 -22.01 -14.03 -19.05
C LEU E 205 -21.14 -15.29 -19.07
N LEU E 206 -19.84 -15.13 -19.26
CA LEU E 206 -18.94 -16.27 -19.21
C LEU E 206 -18.90 -16.91 -17.84
N ALA E 207 -18.90 -16.09 -16.78
CA ALA E 207 -18.89 -16.65 -15.44
C ALA E 207 -20.15 -17.47 -15.18
N ALA E 208 -21.29 -16.97 -15.62
CA ALA E 208 -22.52 -17.75 -15.51
C ALA E 208 -22.41 -19.05 -16.30
N GLN E 209 -21.83 -18.98 -17.50
CA GLN E 209 -21.71 -20.15 -18.35
C GLN E 209 -20.81 -21.21 -17.69
N ALA E 210 -19.70 -20.75 -17.10
CA ALA E 210 -18.79 -21.65 -16.42
C ALA E 210 -19.42 -22.28 -15.19
N ILE E 211 -20.18 -21.49 -14.42
CA ILE E 211 -20.88 -22.06 -13.27
C ILE E 211 -21.85 -23.14 -13.72
N ARG E 212 -22.58 -22.89 -14.80
CA ARG E 212 -23.50 -23.89 -15.32
C ARG E 212 -22.75 -25.16 -15.74
N ALA E 213 -21.62 -24.99 -16.41
CA ALA E 213 -20.83 -26.14 -16.86
C ALA E 213 -20.36 -26.97 -15.67
N VAL E 214 -19.76 -26.31 -14.68
CA VAL E 214 -19.22 -27.03 -13.53
C VAL E 214 -20.35 -27.71 -12.75
N ALA E 215 -21.50 -27.05 -12.65
CA ALA E 215 -22.63 -27.63 -11.94
C ALA E 215 -23.14 -28.88 -12.65
N LEU E 216 -23.23 -28.84 -13.98
CA LEU E 216 -23.63 -30.05 -14.70
C LEU E 216 -22.61 -31.15 -14.50
N GLY E 217 -21.32 -30.81 -14.51
CA GLY E 217 -20.30 -31.81 -14.24
C GLY E 217 -20.46 -32.44 -12.87
N VAL E 218 -20.75 -31.62 -11.85
CA VAL E 218 -20.91 -32.14 -10.49
C VAL E 218 -22.14 -33.02 -10.40
N VAL E 219 -23.24 -32.61 -11.03
CA VAL E 219 -24.45 -33.44 -11.03
C VAL E 219 -24.18 -34.78 -11.68
N VAL E 220 -23.49 -34.78 -12.82
CA VAL E 220 -23.18 -36.03 -13.50
C VAL E 220 -22.25 -36.89 -12.64
N THR E 221 -21.30 -36.27 -11.94
CA THR E 221 -20.43 -37.02 -11.05
C THR E 221 -21.23 -37.70 -9.95
N ALA E 222 -22.14 -36.97 -9.32
CA ALA E 222 -22.96 -37.55 -8.27
C ALA E 222 -23.83 -38.69 -8.81
N LEU E 223 -24.40 -38.50 -9.99
CA LEU E 223 -25.22 -39.55 -10.60
C LEU E 223 -24.40 -40.80 -10.88
N VAL E 224 -23.18 -40.62 -11.42
CA VAL E 224 -22.34 -41.77 -11.73
C VAL E 224 -21.89 -42.47 -10.45
N GLN E 225 -21.62 -41.70 -9.39
CA GLN E 225 -21.27 -42.31 -8.11
C GLN E 225 -22.44 -43.13 -7.57
N ALA E 226 -23.65 -42.60 -7.70
CA ALA E 226 -24.83 -43.34 -7.25
C ALA E 226 -25.00 -44.63 -8.07
N VAL E 227 -24.78 -44.55 -9.38
CA VAL E 227 -24.90 -45.74 -10.22
C VAL E 227 -23.86 -46.78 -9.81
N LEU E 228 -22.62 -46.34 -9.59
CA LEU E 228 -21.57 -47.25 -9.17
C LEU E 228 -21.74 -47.72 -7.73
N GLY E 229 -22.65 -47.11 -6.97
CA GLY E 229 -22.93 -47.59 -5.63
C GLY E 229 -23.43 -49.02 -5.61
N GLY E 230 -24.22 -49.40 -6.61
CA GLY E 230 -24.70 -50.76 -6.73
C GLY E 230 -25.97 -51.03 -5.95
N THR E 276 -14.27 -38.89 -3.96
CA THR E 276 -14.96 -37.85 -4.72
C THR E 276 -13.97 -37.01 -5.51
N TRP E 277 -12.71 -37.02 -5.09
CA TRP E 277 -11.69 -36.23 -5.79
C TRP E 277 -11.50 -36.73 -7.21
N GLY E 278 -11.25 -38.03 -7.38
CA GLY E 278 -11.00 -38.56 -8.71
C GLY E 278 -12.25 -38.71 -9.55
N THR E 279 -13.40 -38.88 -8.91
CA THR E 279 -14.64 -39.07 -9.66
C THR E 279 -15.01 -37.83 -10.47
N VAL E 280 -14.87 -36.64 -9.88
CA VAL E 280 -15.19 -35.41 -10.59
C VAL E 280 -14.28 -35.24 -11.80
N LEU E 281 -12.98 -35.49 -11.61
CA LEU E 281 -12.01 -35.34 -12.70
C LEU E 281 -12.29 -36.33 -13.82
N LEU E 282 -12.54 -37.59 -13.47
CA LEU E 282 -12.84 -38.60 -14.48
C LEU E 282 -14.12 -38.26 -15.24
N VAL E 283 -15.14 -37.79 -14.51
CA VAL E 283 -16.40 -37.39 -15.17
C VAL E 283 -16.15 -36.22 -16.10
N TRP E 284 -15.32 -35.27 -15.69
CA TRP E 284 -15.02 -34.13 -16.54
C TRP E 284 -14.31 -34.57 -17.82
N SER E 285 -13.35 -35.47 -17.70
CA SER E 285 -12.68 -35.98 -18.89
C SER E 285 -13.66 -36.73 -19.79
N GLY E 286 -14.54 -37.55 -19.20
CA GLY E 286 -15.48 -38.30 -20.00
C GLY E 286 -16.51 -37.43 -20.69
N VAL E 287 -16.93 -36.35 -20.04
CA VAL E 287 -17.99 -35.50 -20.58
C VAL E 287 -17.53 -34.81 -21.86
N VAL E 288 -16.32 -34.28 -21.87
CA VAL E 288 -15.87 -33.43 -22.96
C VAL E 288 -14.66 -33.98 -23.71
N GLY E 289 -13.94 -34.96 -23.17
CA GLY E 289 -12.75 -35.49 -23.82
C GLY E 289 -12.99 -36.00 -25.23
N THR E 290 -13.75 -37.08 -25.36
CA THR E 290 -14.16 -37.57 -26.67
C THR E 290 -15.55 -37.09 -27.07
N LEU E 291 -16.37 -36.68 -26.10
CA LEU E 291 -17.71 -36.14 -26.36
C LEU E 291 -17.63 -34.62 -26.33
N ASP E 292 -17.29 -34.03 -27.46
CA ASP E 292 -17.11 -32.59 -27.51
C ASP E 292 -18.44 -31.87 -27.37
N ASN E 293 -19.31 -32.00 -28.38
CA ASN E 293 -20.66 -31.43 -28.29
C ASN E 293 -21.76 -32.30 -28.87
N VAL E 294 -21.45 -33.42 -29.52
CA VAL E 294 -22.41 -34.05 -30.43
C VAL E 294 -23.51 -34.80 -29.66
N ILE E 295 -23.14 -35.84 -28.91
CA ILE E 295 -24.15 -36.67 -28.25
C ILE E 295 -24.82 -35.86 -27.14
N ARG E 296 -26.10 -36.16 -26.90
CA ARG E 296 -26.97 -35.34 -26.05
C ARG E 296 -26.91 -33.92 -26.60
N PRO E 297 -27.55 -33.65 -27.73
CA PRO E 297 -27.33 -32.38 -28.43
C PRO E 297 -27.82 -31.20 -27.62
N MET E 298 -27.20 -30.03 -27.88
CA MET E 298 -27.48 -28.75 -27.22
C MET E 298 -27.56 -28.87 -25.71
N LEU E 299 -26.91 -29.89 -25.15
CA LEU E 299 -26.91 -30.11 -23.70
C LEU E 299 -25.53 -30.04 -23.08
N ILE E 300 -24.47 -30.29 -23.84
CA ILE E 300 -23.10 -30.14 -23.34
C ILE E 300 -22.51 -28.97 -24.12
N ARG E 301 -23.36 -28.02 -24.53
CA ARG E 301 -22.86 -26.84 -25.19
C ARG E 301 -22.16 -25.88 -24.24
N MET E 302 -22.12 -26.20 -22.94
CA MET E 302 -21.33 -25.41 -22.01
C MET E 302 -19.84 -25.49 -22.35
N GLY E 303 -19.32 -26.70 -22.49
CA GLY E 303 -17.90 -26.88 -22.76
C GLY E 303 -17.45 -26.44 -24.14
N ALA E 304 -18.40 -26.23 -25.06
CA ALA E 304 -18.02 -25.82 -26.41
C ALA E 304 -17.40 -24.43 -26.43
N ASP E 305 -17.68 -23.61 -25.42
CA ASP E 305 -17.17 -22.26 -25.36
C ASP E 305 -16.06 -22.07 -24.33
N LEU E 306 -15.67 -23.14 -23.64
CA LEU E 306 -14.73 -23.02 -22.53
C LEU E 306 -13.58 -24.00 -22.68
N PRO E 307 -12.38 -23.60 -22.26
CA PRO E 307 -11.23 -24.49 -22.39
C PRO E 307 -11.28 -25.64 -21.39
N LEU E 308 -10.88 -26.82 -21.86
CA LEU E 308 -10.78 -27.98 -20.98
C LEU E 308 -9.76 -27.73 -19.87
N ILE E 309 -8.55 -27.33 -20.25
CA ILE E 309 -7.48 -27.14 -19.27
C ILE E 309 -7.89 -26.10 -18.25
N LEU E 310 -8.55 -25.04 -18.69
CA LEU E 310 -8.94 -23.97 -17.79
C LEU E 310 -9.91 -24.47 -16.73
N ILE E 311 -10.94 -25.20 -17.15
CA ILE E 311 -11.93 -25.72 -16.20
C ILE E 311 -11.28 -26.72 -15.25
N LEU E 312 -10.46 -27.63 -15.77
CA LEU E 312 -9.85 -28.64 -14.93
C LEU E 312 -8.94 -28.01 -13.88
N SER E 313 -8.06 -27.10 -14.31
CA SER E 313 -7.15 -26.44 -13.38
C SER E 313 -7.93 -25.58 -12.40
N GLY E 314 -9.00 -24.92 -12.85
CA GLY E 314 -9.79 -24.13 -11.94
C GLY E 314 -10.44 -24.97 -10.86
N VAL E 315 -11.01 -26.11 -11.24
CA VAL E 315 -11.62 -26.99 -10.26
C VAL E 315 -10.60 -27.46 -9.24
N ILE E 316 -9.44 -27.93 -9.72
CA ILE E 316 -8.45 -28.47 -8.80
C ILE E 316 -7.92 -27.38 -7.86
N GLY E 317 -7.54 -26.24 -8.43
CA GLY E 317 -7.02 -25.17 -7.61
C GLY E 317 -8.04 -24.59 -6.66
N GLY E 318 -9.31 -24.54 -7.07
CA GLY E 318 -10.34 -24.07 -6.16
C GLY E 318 -10.56 -25.00 -5.00
N LEU E 319 -10.61 -26.31 -5.28
CA LEU E 319 -10.73 -27.27 -4.19
C LEU E 319 -9.56 -27.16 -3.23
N ILE E 320 -8.35 -27.05 -3.76
CA ILE E 320 -7.18 -27.01 -2.89
C ILE E 320 -7.12 -25.71 -2.10
N ALA E 321 -7.50 -24.60 -2.72
CA ALA E 321 -7.34 -23.29 -2.10
C ALA E 321 -8.52 -22.90 -1.23
N PHE E 322 -9.73 -22.92 -1.78
CA PHE E 322 -10.92 -22.46 -1.06
C PHE E 322 -11.68 -23.60 -0.40
N GLY E 323 -11.95 -24.67 -1.14
CA GLY E 323 -12.50 -25.86 -0.53
C GLY E 323 -13.98 -26.02 -0.71
N MET E 324 -14.38 -26.83 -1.70
CA MET E 324 -15.76 -27.22 -1.96
C MET E 324 -16.58 -26.05 -2.46
N ILE E 325 -16.04 -24.83 -2.36
CA ILE E 325 -16.61 -23.67 -3.00
C ILE E 325 -15.72 -23.14 -4.12
N GLY E 326 -14.40 -23.34 -4.00
CA GLY E 326 -13.53 -23.13 -5.14
C GLY E 326 -13.85 -24.07 -6.28
N LEU E 327 -14.65 -25.11 -6.03
CA LEU E 327 -15.15 -25.94 -7.10
C LEU E 327 -15.88 -25.11 -8.15
N PHE E 328 -16.48 -24.00 -7.74
CA PHE E 328 -17.10 -23.05 -8.64
C PHE E 328 -16.34 -21.75 -8.78
N ILE E 329 -15.63 -21.32 -7.73
CA ILE E 329 -14.89 -20.07 -7.81
C ILE E 329 -13.70 -20.19 -8.76
N GLY E 330 -12.97 -21.29 -8.67
CA GLY E 330 -11.79 -21.50 -9.47
C GLY E 330 -12.04 -21.41 -10.96
N PRO E 331 -12.97 -22.23 -11.48
CA PRO E 331 -13.30 -22.11 -12.90
C PRO E 331 -13.79 -20.73 -13.28
N VAL E 332 -14.60 -20.09 -12.44
CA VAL E 332 -15.10 -18.77 -12.77
C VAL E 332 -13.97 -17.76 -12.84
N LEU E 333 -13.11 -17.73 -11.81
CA LEU E 333 -12.02 -16.77 -11.80
C LEU E 333 -11.08 -17.00 -12.97
N LEU E 334 -10.72 -18.25 -13.23
CA LEU E 334 -9.78 -18.52 -14.32
C LEU E 334 -10.39 -18.19 -15.67
N ALA E 335 -11.65 -18.56 -15.90
CA ALA E 335 -12.27 -18.28 -17.20
C ALA E 335 -12.43 -16.79 -17.42
N VAL E 336 -12.89 -16.06 -16.40
CA VAL E 336 -13.09 -14.63 -16.55
C VAL E 336 -11.75 -13.92 -16.77
N SER E 337 -10.74 -14.29 -15.97
CA SER E 337 -9.43 -13.66 -16.14
C SER E 337 -8.84 -13.99 -17.50
N TRP E 338 -9.01 -15.23 -17.96
CA TRP E 338 -8.46 -15.59 -19.26
C TRP E 338 -9.14 -14.80 -20.37
N ARG E 339 -10.47 -14.67 -20.33
CA ARG E 339 -11.14 -13.92 -21.38
C ARG E 339 -10.75 -12.45 -21.34
N LEU E 340 -10.70 -11.86 -20.14
CA LEU E 340 -10.31 -10.45 -20.04
C LEU E 340 -8.90 -10.23 -20.56
N PHE E 341 -7.96 -11.07 -20.15
CA PHE E 341 -6.58 -10.87 -20.57
C PHE E 341 -6.40 -11.17 -22.04
N ALA E 342 -7.11 -12.16 -22.58
CA ALA E 342 -7.03 -12.42 -24.01
C ALA E 342 -7.56 -11.24 -24.80
N ALA E 343 -8.72 -10.71 -24.42
CA ALA E 343 -9.27 -9.56 -25.12
C ALA E 343 -8.35 -8.35 -25.01
N TRP E 344 -7.77 -8.14 -23.83
CA TRP E 344 -6.87 -7.02 -23.64
C TRP E 344 -5.62 -7.16 -24.49
N VAL E 345 -5.04 -8.37 -24.52
CA VAL E 345 -3.77 -8.57 -25.21
C VAL E 345 -3.97 -8.54 -26.72
N GLU E 346 -5.11 -9.01 -27.21
CA GLU E 346 -5.33 -9.02 -28.65
C GLU E 346 -5.48 -7.63 -29.25
N GLU E 347 -5.51 -6.57 -28.43
CA GLU E 347 -5.66 -5.23 -28.99
C GLU E 347 -4.47 -4.86 -29.87
N VAL E 348 -3.26 -5.16 -29.44
CA VAL E 348 -2.07 -4.92 -30.25
C VAL E 348 -1.90 -6.10 -31.21
N PRO E 349 -1.27 -5.90 -32.36
CA PRO E 349 -1.05 -7.02 -33.27
C PRO E 349 -0.05 -7.99 -32.70
N PRO E 350 -0.12 -9.28 -33.06
CA PRO E 350 0.85 -10.24 -32.56
C PRO E 350 2.24 -9.90 -33.04
N PRO E 351 3.27 -10.19 -32.25
CA PRO E 351 4.63 -9.89 -32.68
C PRO E 351 5.01 -10.68 -33.91
N THR E 352 5.73 -10.04 -34.83
CA THR E 352 6.21 -10.72 -36.01
C THR E 352 7.38 -11.63 -35.65
N ASP E 353 7.49 -12.74 -36.37
CA ASP E 353 8.57 -13.68 -36.11
C ASP E 353 9.93 -13.06 -36.42
N GLN E 354 10.01 -12.27 -37.49
CA GLN E 354 11.25 -11.63 -37.89
C GLN E 354 11.72 -10.61 -36.85
#